data_5BP1
#
_entry.id   5BP1
#
_cell.length_a   77.530
_cell.length_b   77.530
_cell.length_c   371.220
_cell.angle_alpha   90.00
_cell.angle_beta   90.00
_cell.angle_gamma   90.00
#
_symmetry.space_group_name_H-M   'P 41 21 2'
#
loop_
_entity.id
_entity.type
_entity.pdbx_description
1 polymer 'Mycocerosic acid synthase'
2 water water
#
_entity_poly.entity_id   1
_entity_poly.type   'polypeptide(L)'
_entity_poly.pdbx_seq_one_letter_code
;SMTQNCVAPVAIIGMACRLPGAINSPQQLWEALLRGDDFVTEIPTGRWDAEEYYDPEPGVPGRSVSKWGAFLDDPAAFDP
EFFGITEREAAAIDPQHRLLLETAWEAVEHSGLNPAGLAGSATGVFMGLTHNDYAHLAADAKALEGPYGFTGTSFSLASG
RIAYALGVHGPAITVDTACSSSLSAIHMACRSLHDGESDVALAGGVSVLLEPRKAAGGSAAGMLSPTGHCHAFDTAADGF
VSAEGCVVLTLKRLDDAVADGDRILAVIRGTATNQDGRTVNIATPSADAQAKVYRMALKAAGVEPGTVGLVEAHGTGTPV
GDPLEFSSLAEVYGTDGPCALGSIKTNFGHTQSAAGALGVMKAVLALQHNVIPQNLHFTRLPDQMAEIETGLFVPETITP
WPVREGQPRRAAVSAYGLSGTNVHAVLEQAPESPAETAAEAISPKAGNALVFPVSASSADALRSTAQHLADWLLRSGDGN
GRGPAIDLGDLAYTLARRRGFRAARSAVLAGDRGTLVEGLRQIADGEAMPQQAVTNDDRGPVWVFSGQGSQWASMGAELL
DREPAFAAAIAELEPLIAAESDFSVTEALTASETVTGIDRVQPTIFAVQVALAAAMRSHGVVPGAVIGHSMGEVAASVVS
GALSLEDGVKVICRRTRLMTRIAGSGAMAMVELPAQQVLSELASRGVDDVVLSVVASPQSTVVGGATASVRELIEMWESR
GVMAREIAVDVASHSPQVDPILDDLIEALADLDPAEPEIPYYSATLYDPRDYADYDAYYWADNLRHTVRFSAAVQAALED
GHRVFAELSPHPLLTHPVEQTARSLDMPLAVFAAMRRQQEMPHGLLGFVADLHSAGAAVDFSVLYPTGRLLDAPLPAWTH
STLLLDRELESSA
;
_entity_poly.pdbx_strand_id   A
#
# COMPACT_ATOMS: atom_id res chain seq x y z
N ASN A 5 -26.46 2.98 -25.67
CA ASN A 5 -27.25 1.86 -26.17
C ASN A 5 -26.38 0.72 -26.71
N CYS A 6 -25.84 0.92 -27.90
CA CYS A 6 -25.05 -0.11 -28.57
C CYS A 6 -23.84 -0.52 -27.75
N VAL A 7 -22.95 0.42 -27.49
CA VAL A 7 -21.73 0.14 -26.74
C VAL A 7 -21.99 0.13 -25.24
N ALA A 8 -21.17 -0.60 -24.49
CA ALA A 8 -21.31 -0.68 -23.04
C ALA A 8 -20.84 0.62 -22.40
N PRO A 9 -21.58 1.13 -21.40
CA PRO A 9 -21.15 2.35 -20.73
C PRO A 9 -19.89 2.13 -19.90
N VAL A 10 -18.93 3.05 -20.00
CA VAL A 10 -17.65 2.94 -19.32
C VAL A 10 -17.54 3.93 -18.17
N ALA A 11 -17.17 3.44 -17.00
CA ALA A 11 -17.01 4.28 -15.81
C ALA A 11 -15.59 4.77 -15.68
N ILE A 12 -15.43 6.07 -15.41
CA ILE A 12 -14.14 6.64 -15.09
C ILE A 12 -13.96 6.61 -13.57
N ILE A 13 -13.15 5.68 -13.09
CA ILE A 13 -13.01 5.47 -11.65
C ILE A 13 -11.80 6.21 -11.07
N GLY A 14 -10.92 6.70 -11.92
CA GLY A 14 -9.75 7.43 -11.48
C GLY A 14 -9.03 8.13 -12.61
N MET A 15 -8.26 9.16 -12.26
CA MET A 15 -7.49 9.91 -13.25
C MET A 15 -6.36 10.69 -12.57
N ALA A 16 -5.27 10.87 -13.33
CA ALA A 16 -4.11 11.59 -12.84
C ALA A 16 -3.56 12.49 -13.94
N CYS A 17 -2.79 13.51 -13.55
CA CYS A 17 -2.22 14.42 -14.53
C CYS A 17 -0.91 15.03 -14.07
N ARG A 18 -0.04 15.32 -15.03
CA ARG A 18 1.20 16.05 -14.80
C ARG A 18 1.24 17.22 -15.77
N LEU A 19 0.93 18.42 -15.26
CA LEU A 19 0.71 19.59 -16.10
C LEU A 19 1.57 20.78 -15.68
N PRO A 20 1.72 21.77 -16.58
CA PRO A 20 2.47 22.99 -16.27
C PRO A 20 1.97 23.71 -15.03
N GLY A 21 2.83 24.49 -14.39
CA GLY A 21 2.47 25.21 -13.19
C GLY A 21 2.31 24.29 -11.99
N ALA A 22 3.01 23.16 -12.03
CA ALA A 22 3.03 22.20 -10.92
C ALA A 22 1.64 21.67 -10.61
N ILE A 23 0.75 21.71 -11.59
CA ILE A 23 -0.58 21.13 -11.44
C ILE A 23 -0.51 19.61 -11.64
N ASN A 24 -0.38 18.88 -10.53
CA ASN A 24 -0.11 17.45 -10.59
C ASN A 24 -1.25 16.59 -10.02
N SER A 25 -2.46 17.13 -9.99
CA SER A 25 -3.62 16.35 -9.54
C SER A 25 -4.93 16.98 -10.01
N PRO A 26 -6.00 16.17 -10.10
CA PRO A 26 -7.32 16.68 -10.52
C PRO A 26 -7.83 17.84 -9.66
N GLN A 27 -7.57 17.78 -8.35
CA GLN A 27 -8.04 18.80 -7.44
C GLN A 27 -7.30 20.11 -7.68
N GLN A 28 -5.99 20.01 -7.89
CA GLN A 28 -5.17 21.18 -8.18
C GLN A 28 -5.60 21.82 -9.50
N LEU A 29 -5.99 20.99 -10.45
CA LEU A 29 -6.47 21.47 -11.74
C LEU A 29 -7.79 22.22 -11.58
N TRP A 30 -8.71 21.63 -10.83
CA TRP A 30 -10.03 22.22 -10.61
C TRP A 30 -9.93 23.61 -10.01
N GLU A 31 -9.10 23.74 -8.98
CA GLU A 31 -8.90 25.02 -8.31
C GLU A 31 -8.30 26.04 -9.27
N ALA A 32 -7.38 25.59 -10.12
CA ALA A 32 -6.70 26.46 -11.07
C ALA A 32 -7.68 26.99 -12.11
N LEU A 33 -8.60 26.13 -12.55
CA LEU A 33 -9.58 26.52 -13.56
C LEU A 33 -10.58 27.53 -13.00
N LEU A 34 -10.88 27.41 -11.71
CA LEU A 34 -11.80 28.34 -11.05
C LEU A 34 -11.16 29.72 -10.89
N ARG A 35 -9.87 29.74 -10.58
CA ARG A 35 -9.14 31.00 -10.46
C ARG A 35 -8.94 31.65 -11.82
N GLY A 36 -9.09 30.87 -12.88
CA GLY A 36 -8.90 31.36 -14.23
C GLY A 36 -7.44 31.57 -14.54
N ASP A 37 -6.60 30.65 -14.08
CA ASP A 37 -5.16 30.75 -14.26
C ASP A 37 -4.76 30.47 -15.70
N ASP A 38 -3.87 31.32 -16.24
CA ASP A 38 -3.30 31.12 -17.55
C ASP A 38 -1.87 30.60 -17.42
N PHE A 39 -1.62 29.40 -17.94
CA PHE A 39 -0.34 28.74 -17.76
C PHE A 39 0.59 28.91 -18.96
N VAL A 40 0.16 29.71 -19.93
CA VAL A 40 1.00 29.99 -21.10
C VAL A 40 2.02 31.06 -20.76
N THR A 41 3.28 30.80 -21.14
CA THR A 41 4.38 31.72 -20.85
C THR A 41 5.37 31.74 -22.00
N GLU A 42 6.39 32.60 -21.89
CA GLU A 42 7.47 32.59 -22.86
C GLU A 42 8.31 31.34 -22.67
N ILE A 43 9.18 31.06 -23.64
CA ILE A 43 10.06 29.89 -23.56
C ILE A 43 10.98 30.01 -22.35
N PRO A 44 11.13 28.91 -21.58
CA PRO A 44 12.01 28.98 -20.41
C PRO A 44 13.48 28.98 -20.80
N THR A 45 14.32 29.57 -19.94
CA THR A 45 15.75 29.67 -20.22
C THR A 45 16.51 28.43 -19.76
N GLY A 46 15.79 27.33 -19.60
CA GLY A 46 16.38 26.07 -19.17
C GLY A 46 16.65 25.13 -20.33
N ARG A 47 15.86 25.24 -21.38
CA ARG A 47 16.00 24.38 -22.54
C ARG A 47 17.12 24.86 -23.45
N LYS A 67 7.34 31.30 -29.82
CA LYS A 67 7.95 32.03 -28.71
C LYS A 67 7.22 31.78 -27.40
N TRP A 68 6.00 31.29 -27.48
CA TRP A 68 5.16 31.05 -26.31
C TRP A 68 4.89 29.56 -26.12
N GLY A 69 4.36 29.20 -24.95
CA GLY A 69 4.02 27.82 -24.66
C GLY A 69 3.91 27.55 -23.17
N ALA A 70 3.16 26.50 -22.84
CA ALA A 70 3.03 26.04 -21.45
C ALA A 70 3.91 24.81 -21.25
N PHE A 71 4.86 24.91 -20.33
CA PHE A 71 5.87 23.87 -20.14
C PHE A 71 5.84 23.26 -18.74
N LEU A 72 6.16 21.97 -18.67
CA LEU A 72 6.35 21.30 -17.39
C LEU A 72 7.60 21.84 -16.71
N ASP A 73 7.59 21.87 -15.38
CA ASP A 73 8.75 22.33 -14.63
C ASP A 73 9.96 21.45 -14.92
N ASP A 74 9.74 20.14 -14.96
CA ASP A 74 10.81 19.18 -15.23
C ASP A 74 10.24 17.92 -15.88
N PRO A 75 10.20 17.88 -17.22
CA PRO A 75 9.68 16.69 -17.90
C PRO A 75 10.62 15.49 -17.81
N ALA A 76 11.86 15.74 -17.40
CA ALA A 76 12.87 14.69 -17.31
C ALA A 76 12.92 14.03 -15.94
N ALA A 77 12.13 14.53 -15.00
CA ALA A 77 12.11 14.00 -13.64
C ALA A 77 11.51 12.59 -13.63
N PHE A 78 12.17 11.68 -12.93
CA PHE A 78 11.73 10.28 -12.90
C PHE A 78 12.24 9.55 -11.66
N ASP A 79 11.49 8.54 -11.23
CA ASP A 79 11.85 7.71 -10.08
C ASP A 79 12.16 6.29 -10.56
N PRO A 80 13.36 6.08 -11.13
CA PRO A 80 13.70 4.79 -11.74
C PRO A 80 13.79 3.63 -10.74
N GLU A 81 14.34 3.87 -9.55
CA GLU A 81 14.51 2.80 -8.57
C GLU A 81 13.17 2.20 -8.17
N PHE A 82 12.13 3.02 -8.14
CA PHE A 82 10.79 2.56 -7.79
C PHE A 82 10.28 1.51 -8.77
N PHE A 83 10.71 1.61 -10.02
CA PHE A 83 10.28 0.68 -11.06
C PHE A 83 11.32 -0.41 -11.31
N GLY A 84 12.44 -0.35 -10.58
CA GLY A 84 13.47 -1.35 -10.68
C GLY A 84 14.37 -1.15 -11.89
N ILE A 85 14.61 0.10 -12.24
CA ILE A 85 15.44 0.45 -13.39
C ILE A 85 16.66 1.22 -12.93
N THR A 86 17.80 0.94 -13.56
CA THR A 86 19.02 1.68 -13.25
C THR A 86 18.91 3.11 -13.77
N GLU A 87 19.75 3.99 -13.24
CA GLU A 87 19.74 5.39 -13.68
C GLU A 87 20.14 5.53 -15.14
N ARG A 88 21.12 4.74 -15.57
CA ARG A 88 21.64 4.82 -16.93
C ARG A 88 20.57 4.45 -17.95
N GLU A 89 19.88 3.34 -17.71
CA GLU A 89 18.83 2.90 -18.62
C GLU A 89 17.70 3.92 -18.63
N ALA A 90 17.30 4.38 -17.45
CA ALA A 90 16.23 5.36 -17.32
C ALA A 90 16.57 6.64 -18.08
N ALA A 91 17.84 7.02 -18.08
CA ALA A 91 18.27 8.21 -18.79
C ALA A 91 18.11 8.04 -20.30
N ALA A 92 18.28 6.80 -20.77
CA ALA A 92 18.20 6.50 -22.19
C ALA A 92 16.75 6.34 -22.65
N ILE A 93 15.84 6.14 -21.70
CA ILE A 93 14.43 5.99 -22.02
C ILE A 93 13.82 7.35 -22.36
N ASP A 94 12.95 7.36 -23.37
CA ASP A 94 12.22 8.56 -23.79
C ASP A 94 11.52 9.20 -22.59
N PRO A 95 11.77 10.50 -22.35
CA PRO A 95 11.05 11.21 -21.28
C PRO A 95 9.54 11.05 -21.36
N GLN A 96 9.01 10.90 -22.57
CA GLN A 96 7.58 10.67 -22.76
C GLN A 96 7.14 9.39 -22.04
N HIS A 97 7.93 8.34 -22.18
CA HIS A 97 7.61 7.05 -21.58
C HIS A 97 7.65 7.12 -20.06
N ARG A 98 8.61 7.89 -19.54
CA ARG A 98 8.79 7.98 -18.09
C ARG A 98 7.63 8.72 -17.44
N LEU A 99 7.12 9.74 -18.12
CA LEU A 99 5.99 10.51 -17.62
C LEU A 99 4.72 9.67 -17.62
N LEU A 100 4.57 8.81 -18.63
CA LEU A 100 3.41 7.93 -18.72
C LEU A 100 3.42 6.91 -17.58
N LEU A 101 4.59 6.39 -17.26
CA LEU A 101 4.73 5.39 -16.21
C LEU A 101 4.27 5.93 -14.85
N GLU A 102 4.77 7.10 -14.47
CA GLU A 102 4.43 7.69 -13.17
C GLU A 102 2.98 8.18 -13.15
N THR A 103 2.55 8.81 -14.25
CA THR A 103 1.20 9.34 -14.33
C THR A 103 0.17 8.20 -14.33
N ALA A 104 0.47 7.13 -15.05
CA ALA A 104 -0.41 5.97 -15.11
C ALA A 104 -0.51 5.30 -13.75
N TRP A 105 0.61 5.24 -13.03
CA TRP A 105 0.62 4.65 -11.70
C TRP A 105 -0.28 5.46 -10.76
N GLU A 106 -0.18 6.79 -10.86
CA GLU A 106 -1.00 7.69 -10.06
C GLU A 106 -2.48 7.49 -10.39
N ALA A 107 -2.79 7.24 -11.65
CA ALA A 107 -4.17 7.05 -12.08
C ALA A 107 -4.77 5.80 -11.46
N VAL A 108 -3.93 4.79 -11.25
CA VAL A 108 -4.36 3.55 -10.62
C VAL A 108 -4.63 3.78 -9.13
N GLU A 109 -3.70 4.46 -8.46
CA GLU A 109 -3.85 4.71 -7.03
C GLU A 109 -4.98 5.71 -6.75
N HIS A 110 -5.22 6.62 -7.67
CA HIS A 110 -6.31 7.57 -7.53
C HIS A 110 -7.66 6.86 -7.62
N SER A 111 -7.67 5.72 -8.29
CA SER A 111 -8.88 4.91 -8.40
C SER A 111 -9.19 4.19 -7.09
N GLY A 112 -8.26 4.26 -6.15
CA GLY A 112 -8.42 3.56 -4.88
C GLY A 112 -8.02 2.10 -5.03
N LEU A 113 -7.08 1.85 -5.92
CA LEU A 113 -6.60 0.50 -6.19
C LEU A 113 -5.15 0.32 -5.77
N ASN A 114 -4.91 -0.69 -4.94
CA ASN A 114 -3.55 -1.13 -4.64
C ASN A 114 -2.96 -1.72 -5.91
N PRO A 115 -1.96 -1.05 -6.51
CA PRO A 115 -1.44 -1.51 -7.81
C PRO A 115 -0.92 -2.95 -7.78
N ALA A 116 -0.53 -3.42 -6.60
CA ALA A 116 -0.07 -4.79 -6.44
C ALA A 116 -1.22 -5.77 -6.69
N GLY A 117 -2.44 -5.30 -6.51
CA GLY A 117 -3.62 -6.14 -6.68
C GLY A 117 -4.01 -6.35 -8.13
N LEU A 118 -3.48 -5.51 -9.02
CA LEU A 118 -3.82 -5.60 -10.45
C LEU A 118 -3.08 -6.73 -11.16
N ALA A 119 -2.01 -7.22 -10.55
CA ALA A 119 -1.16 -8.23 -11.18
C ALA A 119 -1.96 -9.44 -11.65
N GLY A 120 -1.79 -9.81 -12.91
CA GLY A 120 -2.44 -10.97 -13.48
C GLY A 120 -3.82 -10.68 -14.07
N SER A 121 -4.29 -9.45 -13.91
CA SER A 121 -5.62 -9.08 -14.38
C SER A 121 -5.60 -8.62 -15.83
N ALA A 122 -6.75 -8.71 -16.49
CA ALA A 122 -6.88 -8.29 -17.87
C ALA A 122 -6.97 -6.77 -17.98
N THR A 123 -5.88 -6.09 -17.65
CA THR A 123 -5.82 -4.63 -17.70
C THR A 123 -5.15 -4.18 -18.99
N GLY A 124 -5.89 -3.49 -19.85
CA GLY A 124 -5.36 -2.98 -21.09
C GLY A 124 -4.72 -1.61 -20.92
N VAL A 125 -3.75 -1.30 -21.78
CA VAL A 125 -3.04 -0.03 -21.71
C VAL A 125 -3.04 0.63 -23.09
N PHE A 126 -3.56 1.85 -23.15
CA PHE A 126 -3.70 2.58 -24.41
C PHE A 126 -3.17 4.01 -24.27
N MET A 127 -1.99 4.26 -24.81
CA MET A 127 -1.35 5.56 -24.65
C MET A 127 -1.07 6.23 -25.99
N GLY A 128 -1.03 7.57 -25.98
CA GLY A 128 -0.74 8.35 -27.18
C GLY A 128 0.49 9.22 -26.99
N LEU A 129 1.33 9.28 -28.00
CA LEU A 129 2.55 10.09 -27.95
C LEU A 129 3.06 10.37 -29.36
N THR A 130 4.18 11.08 -29.44
CA THR A 130 4.79 11.41 -30.73
C THR A 130 6.07 10.62 -30.94
N HIS A 131 6.04 9.70 -31.90
CA HIS A 131 7.22 8.91 -32.23
C HIS A 131 8.22 9.77 -33.01
N ASN A 132 9.51 9.47 -32.85
CA ASN A 132 10.56 10.19 -33.57
C ASN A 132 10.57 9.84 -35.05
N THR A 153 6.04 -4.41 -37.86
CA THR A 153 7.16 -3.57 -37.47
C THR A 153 6.74 -2.50 -36.47
N SER A 154 5.68 -2.79 -35.72
CA SER A 154 5.14 -1.86 -34.73
C SER A 154 5.41 -2.35 -33.31
N PHE A 155 6.11 -1.53 -32.53
CA PHE A 155 6.45 -1.87 -31.15
C PHE A 155 5.85 -0.86 -30.17
N SER A 156 4.71 -1.23 -29.60
CA SER A 156 4.04 -0.39 -28.61
C SER A 156 4.77 -0.46 -27.27
N LEU A 157 6.00 0.06 -27.25
CA LEU A 157 6.87 -0.07 -26.09
C LEU A 157 6.39 0.75 -24.90
N ALA A 158 5.94 1.97 -25.17
CA ALA A 158 5.50 2.89 -24.10
C ALA A 158 4.40 2.27 -23.25
N SER A 159 3.41 1.67 -23.90
CA SER A 159 2.32 1.00 -23.18
C SER A 159 2.82 -0.29 -22.54
N GLY A 160 3.81 -0.91 -23.17
CA GLY A 160 4.39 -2.14 -22.66
C GLY A 160 5.07 -1.95 -21.33
N ARG A 161 5.77 -0.84 -21.18
CA ARG A 161 6.45 -0.52 -19.93
C ARG A 161 5.46 -0.45 -18.78
N ILE A 162 4.33 0.20 -19.03
CA ILE A 162 3.28 0.34 -18.03
C ILE A 162 2.69 -1.02 -17.69
N ALA A 163 2.49 -1.85 -18.70
CA ALA A 163 1.94 -3.19 -18.51
C ALA A 163 2.88 -4.03 -17.65
N TYR A 164 4.17 -3.97 -17.95
CA TYR A 164 5.16 -4.73 -17.19
C TYR A 164 5.27 -4.23 -15.75
N ALA A 165 5.18 -2.92 -15.57
CA ALA A 165 5.29 -2.31 -14.25
C ALA A 165 4.16 -2.76 -13.33
N LEU A 166 2.99 -3.01 -13.92
CA LEU A 166 1.81 -3.43 -13.17
C LEU A 166 1.65 -4.95 -13.18
N GLY A 167 2.47 -5.64 -13.97
CA GLY A 167 2.40 -7.09 -14.06
C GLY A 167 1.07 -7.57 -14.62
N VAL A 168 0.43 -6.74 -15.42
CA VAL A 168 -0.86 -7.07 -16.00
C VAL A 168 -0.70 -7.69 -17.39
N HIS A 169 -1.68 -8.51 -17.77
CA HIS A 169 -1.75 -9.04 -19.13
C HIS A 169 -2.92 -8.37 -19.84
N GLY A 170 -2.79 -8.23 -21.15
CA GLY A 170 -3.83 -7.59 -21.94
C GLY A 170 -3.24 -6.75 -23.05
N PRO A 171 -4.09 -6.04 -23.80
CA PRO A 171 -3.61 -5.22 -24.91
C PRO A 171 -2.73 -4.06 -24.46
N ALA A 172 -1.61 -3.87 -25.13
CA ALA A 172 -0.72 -2.76 -24.90
C ALA A 172 -0.48 -2.03 -26.21
N ILE A 173 -1.27 -0.99 -26.46
CA ILE A 173 -1.24 -0.28 -27.73
C ILE A 173 -0.78 1.16 -27.56
N THR A 174 0.11 1.59 -28.46
CA THR A 174 0.49 2.99 -28.58
C THR A 174 -0.04 3.52 -29.90
N VAL A 175 -0.24 4.83 -29.97
CA VAL A 175 -0.69 5.45 -31.21
C VAL A 175 -0.01 6.80 -31.40
N ASP A 176 0.32 7.11 -32.65
CA ASP A 176 0.90 8.40 -33.00
C ASP A 176 -0.21 9.40 -33.28
N THR A 177 -0.22 10.48 -32.52
CA THR A 177 -1.28 11.47 -32.63
C THR A 177 -1.09 12.40 -33.83
N ALA A 178 -0.06 12.12 -34.62
CA ALA A 178 0.10 12.77 -35.92
C ALA A 178 -0.62 11.95 -36.98
N CYS A 179 -0.73 10.65 -36.72
CA CYS A 179 -1.42 9.72 -37.60
C CYS A 179 -2.85 9.46 -37.12
N SER A 180 -3.27 10.19 -36.08
CA SER A 180 -4.59 9.97 -35.50
C SER A 180 -4.97 11.10 -34.54
N SER A 181 -6.03 10.87 -33.76
CA SER A 181 -6.51 11.84 -32.79
C SER A 181 -6.00 11.53 -31.39
N SER A 182 -6.10 12.51 -30.50
CA SER A 182 -5.65 12.34 -29.12
C SER A 182 -6.70 11.63 -28.27
N LEU A 183 -7.89 11.46 -28.82
CA LEU A 183 -8.96 10.72 -28.15
C LEU A 183 -9.05 9.29 -28.67
N SER A 184 -8.22 8.96 -29.65
CA SER A 184 -8.23 7.63 -30.26
C SER A 184 -7.92 6.55 -29.22
N ALA A 185 -6.94 6.81 -28.37
CA ALA A 185 -6.55 5.86 -27.34
C ALA A 185 -7.72 5.56 -26.40
N ILE A 186 -8.43 6.62 -26.01
CA ILE A 186 -9.57 6.47 -25.11
C ILE A 186 -10.71 5.74 -25.82
N HIS A 187 -10.86 6.00 -27.11
CA HIS A 187 -11.86 5.31 -27.92
C HIS A 187 -11.57 3.82 -27.97
N MET A 188 -10.31 3.48 -28.24
CA MET A 188 -9.89 2.09 -28.32
C MET A 188 -10.06 1.39 -26.97
N ALA A 189 -9.87 2.15 -25.89
CA ALA A 189 -9.98 1.60 -24.55
C ALA A 189 -11.42 1.23 -24.22
N CYS A 190 -12.35 2.09 -24.65
CA CYS A 190 -13.76 1.86 -24.37
C CYS A 190 -14.31 0.68 -25.16
N ARG A 191 -13.85 0.53 -26.40
CA ARG A 191 -14.27 -0.59 -27.23
C ARG A 191 -13.61 -1.89 -26.77
N SER A 192 -12.40 -1.76 -26.20
CA SER A 192 -11.71 -2.91 -25.62
C SER A 192 -12.49 -3.44 -24.43
N LEU A 193 -13.00 -2.53 -23.60
CA LEU A 193 -13.84 -2.90 -22.48
C LEU A 193 -15.15 -3.51 -22.97
N HIS A 194 -15.71 -2.91 -24.01
CA HIS A 194 -16.98 -3.37 -24.57
C HIS A 194 -16.85 -4.78 -25.13
N ASP A 195 -15.76 -5.03 -25.84
CA ASP A 195 -15.51 -6.36 -26.42
C ASP A 195 -15.12 -7.36 -25.34
N GLY A 196 -14.77 -6.85 -24.17
CA GLY A 196 -14.45 -7.70 -23.03
C GLY A 196 -13.01 -8.17 -22.99
N GLU A 197 -12.19 -7.69 -23.93
CA GLU A 197 -10.78 -8.09 -23.95
C GLU A 197 -10.03 -7.41 -22.82
N SER A 198 -10.64 -6.37 -22.25
CA SER A 198 -10.12 -5.72 -21.05
C SER A 198 -11.21 -5.66 -19.97
N ASP A 199 -10.78 -5.76 -18.72
CA ASP A 199 -11.68 -5.62 -17.57
C ASP A 199 -11.37 -4.31 -16.86
N VAL A 200 -10.16 -3.81 -17.08
CA VAL A 200 -9.77 -2.48 -16.66
C VAL A 200 -8.93 -1.90 -17.78
N ALA A 201 -8.94 -0.58 -17.93
CA ALA A 201 -8.21 0.06 -19.03
C ALA A 201 -7.61 1.39 -18.60
N LEU A 202 -6.30 1.52 -18.81
CA LEU A 202 -5.61 2.78 -18.63
C LEU A 202 -5.49 3.47 -19.98
N ALA A 203 -6.00 4.71 -20.07
CA ALA A 203 -6.03 5.45 -21.32
C ALA A 203 -5.57 6.88 -21.12
N GLY A 204 -4.60 7.32 -21.93
CA GLY A 204 -4.08 8.67 -21.81
C GLY A 204 -3.10 9.06 -22.90
N GLY A 205 -2.36 10.14 -22.67
CA GLY A 205 -1.36 10.61 -23.61
C GLY A 205 -0.36 11.55 -22.95
N VAL A 206 0.70 11.89 -23.68
CA VAL A 206 1.76 12.75 -23.14
C VAL A 206 2.34 13.61 -24.25
N SER A 207 2.82 14.80 -23.87
CA SER A 207 3.47 15.72 -24.81
C SER A 207 4.70 16.35 -24.18
N VAL A 208 5.83 16.21 -24.87
CA VAL A 208 7.08 16.84 -24.46
C VAL A 208 7.69 17.59 -25.65
N LEU A 209 7.83 18.90 -25.50
CA LEU A 209 8.31 19.75 -26.58
C LEU A 209 9.83 19.69 -26.70
N LEU A 210 10.32 19.39 -27.89
CA LEU A 210 11.74 19.23 -28.15
C LEU A 210 12.29 20.41 -28.96
N GLU A 211 11.94 21.62 -28.53
CA GLU A 211 12.43 22.85 -29.16
C GLU A 211 11.83 24.07 -28.48
N GLY A 222 -0.37 23.72 -38.23
CA GLY A 222 -1.56 24.54 -38.45
C GLY A 222 -1.34 25.99 -38.05
N MET A 223 -0.08 26.42 -38.10
CA MET A 223 0.32 27.79 -37.75
C MET A 223 0.01 28.16 -36.30
N LEU A 224 0.52 29.31 -35.88
CA LEU A 224 0.56 29.68 -34.47
C LEU A 224 -0.08 31.04 -34.21
N SER A 225 -0.41 31.28 -32.94
CA SER A 225 -0.90 32.58 -32.51
C SER A 225 0.28 33.52 -32.28
N PRO A 226 0.29 34.69 -32.96
CA PRO A 226 1.44 35.57 -32.75
C PRO A 226 1.41 36.26 -31.39
N THR A 227 0.24 36.29 -30.76
CA THR A 227 0.09 36.84 -29.42
C THR A 227 0.47 35.81 -28.37
N GLY A 228 0.36 34.54 -28.72
CA GLY A 228 0.77 33.45 -27.85
C GLY A 228 -0.34 32.96 -26.94
N HIS A 229 -1.56 32.91 -27.46
CA HIS A 229 -2.71 32.44 -26.69
C HIS A 229 -3.77 31.82 -27.60
N CYS A 230 -4.42 30.77 -27.10
CA CYS A 230 -5.60 30.21 -27.76
C CYS A 230 -6.82 31.02 -27.35
N HIS A 231 -7.27 31.90 -28.23
CA HIS A 231 -8.35 32.82 -27.91
C HIS A 231 -9.74 32.19 -28.04
N ALA A 232 -9.78 30.85 -28.03
CA ALA A 232 -11.04 30.12 -28.19
C ALA A 232 -11.73 30.58 -29.47
N PHE A 233 -13.06 30.67 -29.44
CA PHE A 233 -13.82 31.07 -30.61
C PHE A 233 -14.03 32.58 -30.65
N ASP A 234 -13.19 33.31 -29.94
CA ASP A 234 -13.27 34.77 -29.92
C ASP A 234 -12.94 35.34 -31.30
N THR A 235 -13.44 36.54 -31.57
CA THR A 235 -13.20 37.19 -32.86
C THR A 235 -11.72 37.49 -33.08
N ALA A 236 -10.94 37.43 -32.01
CA ALA A 236 -9.49 37.59 -32.11
C ALA A 236 -8.92 36.59 -33.09
N ALA A 237 -9.05 35.30 -32.75
CA ALA A 237 -8.67 34.21 -33.64
C ALA A 237 -7.23 34.35 -34.14
N ASP A 238 -6.28 34.32 -33.21
CA ASP A 238 -4.88 34.46 -33.55
C ASP A 238 -4.30 33.14 -34.04
N GLY A 239 -4.61 32.06 -33.33
CA GLY A 239 -4.09 30.75 -33.65
C GLY A 239 -4.06 29.87 -32.41
N PHE A 240 -3.02 29.03 -32.30
CA PHE A 240 -2.84 28.19 -31.12
C PHE A 240 -1.38 28.16 -30.69
N VAL A 241 -1.15 27.58 -29.52
CA VAL A 241 0.19 27.45 -28.96
C VAL A 241 0.40 26.05 -28.41
N SER A 242 1.54 25.45 -28.73
CA SER A 242 1.87 24.11 -28.26
C SER A 242 2.14 24.11 -26.76
N ALA A 243 2.00 22.95 -26.13
CA ALA A 243 2.20 22.84 -24.69
C ALA A 243 2.56 21.41 -24.29
N GLU A 244 3.15 21.27 -23.11
CA GLU A 244 3.50 19.97 -22.57
C GLU A 244 2.44 19.50 -21.57
N GLY A 245 2.51 18.22 -21.19
CA GLY A 245 1.59 17.69 -20.20
C GLY A 245 1.40 16.20 -20.34
N CYS A 246 0.83 15.60 -19.30
CA CYS A 246 0.52 14.17 -19.31
C CYS A 246 -0.76 13.91 -18.53
N VAL A 247 -1.63 13.09 -19.10
CA VAL A 247 -2.92 12.76 -18.50
C VAL A 247 -3.21 11.28 -18.72
N VAL A 248 -3.73 10.62 -17.69
CA VAL A 248 -4.11 9.21 -17.79
C VAL A 248 -5.42 8.96 -17.07
N LEU A 249 -6.31 8.23 -17.73
CA LEU A 249 -7.61 7.88 -17.17
C LEU A 249 -7.65 6.40 -16.86
N THR A 250 -8.31 6.03 -15.76
CA THR A 250 -8.53 4.64 -15.42
C THR A 250 -9.99 4.29 -15.68
N LEU A 251 -10.22 3.36 -16.60
CA LEU A 251 -11.56 3.04 -17.09
C LEU A 251 -11.99 1.63 -16.73
N LYS A 252 -13.29 1.47 -16.47
CA LYS A 252 -13.87 0.17 -16.20
C LYS A 252 -15.33 0.17 -16.66
N ARG A 253 -15.84 -0.99 -17.05
CA ARG A 253 -17.25 -1.10 -17.41
C ARG A 253 -18.11 -0.65 -16.25
N LEU A 254 -19.16 0.12 -16.55
CA LEU A 254 -19.98 0.72 -15.51
C LEU A 254 -20.57 -0.32 -14.57
N ASP A 255 -21.13 -1.39 -15.14
CA ASP A 255 -21.76 -2.44 -14.34
C ASP A 255 -20.76 -3.11 -13.39
N ASP A 256 -19.51 -3.24 -13.83
CA ASP A 256 -18.47 -3.80 -12.97
C ASP A 256 -18.11 -2.82 -11.86
N ALA A 257 -17.99 -1.54 -12.22
CA ALA A 257 -17.63 -0.50 -11.26
C ALA A 257 -18.65 -0.42 -10.14
N VAL A 258 -19.92 -0.35 -10.51
CA VAL A 258 -21.01 -0.32 -9.53
C VAL A 258 -20.97 -1.57 -8.65
N ALA A 259 -20.73 -2.71 -9.28
CA ALA A 259 -20.69 -3.99 -8.56
C ALA A 259 -19.52 -4.03 -7.57
N ASP A 260 -18.34 -3.67 -8.05
CA ASP A 260 -17.13 -3.71 -7.23
C ASP A 260 -17.09 -2.56 -6.22
N GLY A 261 -18.06 -1.65 -6.31
CA GLY A 261 -18.20 -0.58 -5.36
C GLY A 261 -17.16 0.52 -5.49
N ASP A 262 -16.68 0.73 -6.71
CA ASP A 262 -15.70 1.78 -6.97
C ASP A 262 -16.33 3.15 -6.90
N ARG A 263 -15.51 4.18 -6.77
CA ARG A 263 -15.96 5.56 -6.80
C ARG A 263 -15.94 6.07 -8.24
N ILE A 264 -17.13 6.26 -8.81
CA ILE A 264 -17.25 6.68 -10.20
C ILE A 264 -17.18 8.20 -10.31
N LEU A 265 -16.25 8.69 -11.13
CA LEU A 265 -16.10 10.12 -11.36
C LEU A 265 -17.09 10.60 -12.42
N ALA A 266 -17.21 9.81 -13.49
CA ALA A 266 -18.16 10.09 -14.56
C ALA A 266 -18.30 8.87 -15.45
N VAL A 267 -19.19 8.96 -16.44
CA VAL A 267 -19.46 7.84 -17.33
C VAL A 267 -19.26 8.23 -18.80
N ILE A 268 -18.51 7.42 -19.53
CA ILE A 268 -18.40 7.55 -20.98
C ILE A 268 -19.47 6.67 -21.63
N ARG A 269 -20.56 7.28 -22.07
CA ARG A 269 -21.67 6.54 -22.63
C ARG A 269 -21.34 5.98 -24.01
N GLY A 270 -20.51 6.71 -24.76
CA GLY A 270 -20.16 6.28 -26.10
C GLY A 270 -19.07 7.11 -26.75
N THR A 271 -18.42 6.53 -27.76
CA THR A 271 -17.36 7.19 -28.52
C THR A 271 -17.41 6.77 -29.98
N ALA A 272 -16.76 7.55 -30.85
CA ALA A 272 -16.74 7.25 -32.27
C ALA A 272 -15.55 7.91 -32.96
N THR A 273 -15.05 7.28 -34.02
CA THR A 273 -13.95 7.84 -34.81
C THR A 273 -14.33 7.86 -36.29
N ASN A 274 -13.56 8.61 -37.08
CA ASN A 274 -13.89 8.79 -38.49
C ASN A 274 -12.72 9.35 -39.30
N GLN A 275 -12.74 9.09 -40.61
CA GLN A 275 -11.69 9.54 -41.52
C GLN A 275 -12.21 10.59 -42.52
N ASP A 276 -11.46 11.68 -42.65
CA ASP A 276 -11.77 12.72 -43.62
C ASP A 276 -10.68 12.77 -44.69
N GLY A 277 -11.05 12.39 -45.91
CA GLY A 277 -10.10 12.34 -47.01
C GLY A 277 -9.54 13.70 -47.36
N SER A 286 -10.39 19.74 -40.14
CA SER A 286 -10.33 20.56 -41.35
C SER A 286 -11.48 20.24 -42.29
N ALA A 287 -12.61 19.84 -41.72
CA ALA A 287 -13.78 19.49 -42.53
C ALA A 287 -15.09 19.82 -41.82
N ASP A 288 -16.13 20.01 -42.61
CA ASP A 288 -17.47 20.27 -42.11
C ASP A 288 -18.26 18.97 -41.98
N ALA A 289 -17.83 17.94 -42.73
CA ALA A 289 -18.49 16.64 -42.71
C ALA A 289 -18.31 15.91 -41.38
N GLN A 290 -17.54 16.51 -40.48
CA GLN A 290 -17.34 15.95 -39.15
C GLN A 290 -18.62 15.96 -38.33
N ALA A 291 -19.67 16.59 -38.87
CA ALA A 291 -20.96 16.64 -38.20
C ALA A 291 -21.49 15.24 -37.90
N LYS A 292 -21.13 14.28 -38.74
CA LYS A 292 -21.59 12.90 -38.57
C LYS A 292 -20.90 12.24 -37.38
N VAL A 293 -19.64 12.61 -37.15
CA VAL A 293 -18.85 12.01 -36.08
C VAL A 293 -19.56 12.18 -34.74
N TYR A 294 -20.19 13.33 -34.55
CA TYR A 294 -20.91 13.61 -33.32
C TYR A 294 -22.12 12.70 -33.21
N ARG A 295 -22.85 12.56 -34.31
CA ARG A 295 -24.06 11.72 -34.34
C ARG A 295 -23.73 10.26 -34.07
N MET A 296 -22.60 9.80 -34.61
CA MET A 296 -22.14 8.43 -34.38
C MET A 296 -21.92 8.17 -32.90
N ALA A 297 -21.27 9.11 -32.23
CA ALA A 297 -20.98 8.99 -30.81
C ALA A 297 -22.28 9.05 -30.00
N LEU A 298 -23.14 10.01 -30.35
CA LEU A 298 -24.42 10.16 -29.68
C LEU A 298 -25.29 8.91 -29.85
N LYS A 299 -25.20 8.30 -31.04
CA LYS A 299 -25.95 7.09 -31.33
C LYS A 299 -25.41 5.92 -30.52
N ALA A 300 -24.09 5.83 -30.43
CA ALA A 300 -23.44 4.79 -29.63
C ALA A 300 -23.72 5.03 -28.15
N ALA A 301 -23.69 6.29 -27.75
CA ALA A 301 -24.01 6.65 -26.37
C ALA A 301 -25.50 6.48 -26.12
N GLY A 302 -26.30 6.66 -27.16
CA GLY A 302 -27.73 6.53 -27.07
C GLY A 302 -28.35 7.64 -26.24
N VAL A 303 -28.07 8.88 -26.62
CA VAL A 303 -28.61 10.04 -25.91
C VAL A 303 -28.93 11.19 -26.86
N GLU A 304 -29.97 11.93 -26.52
CA GLU A 304 -30.38 13.09 -27.30
C GLU A 304 -29.40 14.23 -27.06
N PRO A 305 -28.92 14.89 -28.13
CA PRO A 305 -27.93 15.96 -27.96
C PRO A 305 -28.49 17.18 -27.24
N GLY A 306 -29.80 17.32 -27.21
CA GLY A 306 -30.44 18.42 -26.52
C GLY A 306 -30.23 18.37 -25.02
N THR A 307 -29.86 17.19 -24.52
CA THR A 307 -29.64 16.98 -23.09
C THR A 307 -28.20 17.31 -22.70
N VAL A 308 -27.36 17.57 -23.69
CA VAL A 308 -25.95 17.89 -23.45
C VAL A 308 -25.79 19.39 -23.19
N GLY A 309 -25.39 19.72 -21.96
CA GLY A 309 -25.28 21.12 -21.54
C GLY A 309 -23.86 21.65 -21.51
N LEU A 310 -22.93 20.92 -22.11
CA LEU A 310 -21.53 21.34 -22.14
C LEU A 310 -20.76 20.61 -23.22
N VAL A 311 -19.91 21.34 -23.94
CA VAL A 311 -19.08 20.75 -25.00
C VAL A 311 -17.65 21.25 -24.92
N GLU A 312 -16.76 20.42 -24.39
CA GLU A 312 -15.33 20.69 -24.41
C GLU A 312 -14.82 20.41 -25.82
N ALA A 313 -14.87 21.43 -26.68
CA ALA A 313 -14.51 21.26 -28.08
C ALA A 313 -13.01 21.14 -28.25
N HIS A 314 -12.59 20.87 -29.49
CA HIS A 314 -11.18 20.85 -29.84
C HIS A 314 -10.57 22.21 -29.48
N GLY A 315 -11.32 23.27 -29.80
CA GLY A 315 -10.98 24.62 -29.39
C GLY A 315 -9.54 25.02 -29.63
N THR A 316 -9.11 24.90 -30.88
CA THR A 316 -7.73 25.22 -31.25
C THR A 316 -7.50 26.73 -31.21
N GLY A 317 -8.52 27.48 -31.61
CA GLY A 317 -8.42 28.94 -31.66
C GLY A 317 -7.85 29.41 -32.98
N THR A 318 -8.00 28.60 -34.02
CA THR A 318 -7.49 28.93 -35.35
C THR A 318 -8.61 29.54 -36.21
N PRO A 319 -8.25 30.50 -37.09
CA PRO A 319 -9.27 31.19 -37.90
C PRO A 319 -10.07 30.26 -38.82
N VAL A 320 -9.41 29.25 -39.37
CA VAL A 320 -10.04 28.36 -40.35
C VAL A 320 -10.80 27.21 -39.69
N GLY A 321 -10.38 26.84 -38.48
CA GLY A 321 -10.88 25.66 -37.81
C GLY A 321 -11.99 25.92 -36.80
N ASP A 322 -11.97 27.08 -36.16
CA ASP A 322 -12.93 27.38 -35.11
C ASP A 322 -14.34 27.62 -35.66
N PRO A 323 -14.47 28.49 -36.67
CA PRO A 323 -15.81 28.63 -37.26
C PRO A 323 -16.28 27.34 -37.90
N LEU A 324 -15.35 26.63 -38.53
CA LEU A 324 -15.64 25.34 -39.15
C LEU A 324 -16.12 24.33 -38.11
N GLU A 325 -15.50 24.36 -36.94
CA GLU A 325 -15.89 23.49 -35.84
C GLU A 325 -17.18 23.99 -35.21
N PHE A 326 -17.23 25.29 -34.93
CA PHE A 326 -18.41 25.91 -34.34
C PHE A 326 -19.64 25.69 -35.22
N SER A 327 -19.42 25.59 -36.52
CA SER A 327 -20.52 25.39 -37.47
C SER A 327 -21.05 23.96 -37.40
N SER A 328 -20.14 22.99 -37.35
CA SER A 328 -20.53 21.58 -37.31
C SER A 328 -21.19 21.24 -35.97
N LEU A 329 -20.73 21.89 -34.90
CA LEU A 329 -21.32 21.70 -33.58
C LEU A 329 -22.72 22.29 -33.53
N ALA A 330 -22.91 23.41 -34.23
CA ALA A 330 -24.19 24.09 -34.27
C ALA A 330 -25.29 23.21 -34.85
N GLU A 331 -24.91 22.31 -35.76
CA GLU A 331 -25.85 21.41 -36.39
C GLU A 331 -26.45 20.42 -35.39
N VAL A 332 -25.67 20.07 -34.36
CA VAL A 332 -26.06 19.01 -33.43
C VAL A 332 -26.45 19.56 -32.05
N TYR A 333 -25.61 20.45 -31.50
CA TYR A 333 -25.83 20.97 -30.15
C TYR A 333 -26.36 22.40 -30.17
N GLY A 334 -26.99 22.80 -29.06
CA GLY A 334 -27.45 24.16 -28.89
C GLY A 334 -28.84 24.41 -29.46
N THR A 335 -29.53 23.33 -29.83
CA THR A 335 -30.88 23.43 -30.38
C THR A 335 -31.86 23.93 -29.32
N ASP A 336 -31.80 23.31 -28.13
CA ASP A 336 -32.66 23.68 -27.02
C ASP A 336 -31.85 23.97 -25.76
N GLY A 337 -32.10 25.13 -25.16
CA GLY A 337 -31.42 25.53 -23.95
C GLY A 337 -29.98 25.93 -24.21
N PRO A 338 -29.38 26.69 -23.27
CA PRO A 338 -27.99 27.12 -23.43
C PRO A 338 -26.98 26.01 -23.14
N CYS A 339 -26.26 25.59 -24.18
CA CYS A 339 -25.23 24.56 -24.03
C CYS A 339 -23.84 25.19 -24.03
N ALA A 340 -23.15 25.12 -22.89
CA ALA A 340 -21.85 25.76 -22.73
C ALA A 340 -20.83 25.21 -23.72
N LEU A 341 -19.94 26.09 -24.19
CA LEU A 341 -18.89 25.73 -25.14
C LEU A 341 -17.54 26.19 -24.62
N GLY A 342 -16.76 25.24 -24.07
CA GLY A 342 -15.50 25.56 -23.44
C GLY A 342 -14.30 24.94 -24.14
N SER A 343 -13.12 25.44 -23.79
CA SER A 343 -11.86 24.89 -24.30
C SER A 343 -10.75 25.15 -23.29
N ILE A 344 -10.23 24.07 -22.70
CA ILE A 344 -9.19 24.19 -21.69
C ILE A 344 -7.88 24.69 -22.29
N LYS A 345 -7.80 24.66 -23.62
CA LYS A 345 -6.61 25.13 -24.32
C LYS A 345 -6.41 26.64 -24.15
N THR A 346 -7.45 27.33 -23.69
CA THR A 346 -7.33 28.74 -23.34
C THR A 346 -6.45 28.89 -22.10
N ASN A 347 -6.41 27.83 -21.29
CA ASN A 347 -5.59 27.82 -20.08
C ASN A 347 -4.23 27.20 -20.30
N PHE A 348 -4.20 26.01 -20.87
CA PHE A 348 -2.98 25.21 -20.98
C PHE A 348 -2.44 25.12 -22.40
N GLY A 349 -3.13 25.72 -23.36
CA GLY A 349 -2.73 25.62 -24.75
C GLY A 349 -2.98 24.23 -25.30
N HIS A 350 -2.37 23.92 -26.43
CA HIS A 350 -2.57 22.62 -27.08
C HIS A 350 -1.55 21.60 -26.60
N THR A 351 -1.98 20.70 -25.72
CA THR A 351 -1.08 19.71 -25.13
C THR A 351 -0.95 18.46 -26.01
N GLN A 352 -1.32 18.59 -27.28
CA GLN A 352 -1.14 17.53 -28.26
C GLN A 352 -1.83 16.23 -27.83
N SER A 353 -1.05 15.16 -27.63
CA SER A 353 -1.61 13.86 -27.33
C SER A 353 -2.36 13.82 -26.00
N ALA A 354 -2.07 14.78 -25.14
CA ALA A 354 -2.71 14.85 -23.83
C ALA A 354 -3.97 15.72 -23.86
N ALA A 355 -4.17 16.43 -24.97
CA ALA A 355 -5.29 17.38 -25.09
C ALA A 355 -6.64 16.69 -24.94
N GLY A 356 -6.81 15.54 -25.56
CA GLY A 356 -8.05 14.80 -25.49
C GLY A 356 -8.37 14.39 -24.07
N ALA A 357 -7.43 13.69 -23.45
CA ALA A 357 -7.60 13.24 -22.07
C ALA A 357 -7.76 14.43 -21.13
N LEU A 358 -7.00 15.50 -21.38
CA LEU A 358 -7.09 16.71 -20.58
C LEU A 358 -8.47 17.34 -20.71
N GLY A 359 -9.03 17.31 -21.91
CA GLY A 359 -10.37 17.83 -22.15
C GLY A 359 -11.41 17.03 -21.41
N VAL A 360 -11.25 15.71 -21.40
CA VAL A 360 -12.14 14.83 -20.67
C VAL A 360 -12.07 15.11 -19.17
N MET A 361 -10.85 15.27 -18.66
CA MET A 361 -10.63 15.53 -17.24
C MET A 361 -11.37 16.79 -16.79
N LYS A 362 -11.37 17.80 -17.65
CA LYS A 362 -12.10 19.03 -17.37
C LYS A 362 -13.60 18.76 -17.31
N ALA A 363 -14.10 18.02 -18.28
CA ALA A 363 -15.52 17.68 -18.34
C ALA A 363 -15.95 16.88 -17.11
N VAL A 364 -15.13 15.91 -16.73
CA VAL A 364 -15.41 15.07 -15.57
C VAL A 364 -15.51 15.94 -14.31
N LEU A 365 -14.53 16.79 -14.10
CA LEU A 365 -14.52 17.69 -12.95
C LEU A 365 -15.73 18.62 -13.00
N ALA A 366 -16.05 19.10 -14.19
CA ALA A 366 -17.19 20.00 -14.37
C ALA A 366 -18.50 19.25 -14.11
N LEU A 367 -18.50 17.94 -14.33
CA LEU A 367 -19.68 17.11 -14.11
C LEU A 367 -19.88 16.82 -12.62
N GLN A 368 -18.78 16.66 -11.89
CA GLN A 368 -18.85 16.35 -10.47
C GLN A 368 -19.41 17.52 -9.67
N HIS A 369 -18.89 18.72 -9.91
CA HIS A 369 -19.39 19.93 -9.29
C HIS A 369 -20.51 20.52 -10.15
N ASN A 370 -21.25 21.49 -9.61
CA ASN A 370 -22.35 22.09 -10.34
C ASN A 370 -21.91 23.23 -11.25
N VAL A 371 -20.77 23.84 -10.94
CA VAL A 371 -20.29 24.99 -11.70
C VAL A 371 -19.53 24.57 -12.96
N ILE A 372 -19.37 25.52 -13.88
CA ILE A 372 -18.59 25.32 -15.10
C ILE A 372 -17.52 26.41 -15.17
N PRO A 373 -16.25 26.00 -15.37
CA PRO A 373 -15.17 26.99 -15.37
C PRO A 373 -15.18 27.88 -16.63
N GLN A 374 -14.86 29.15 -16.44
CA GLN A 374 -14.84 30.11 -17.53
C GLN A 374 -13.73 29.82 -18.54
N ASN A 375 -13.98 30.19 -19.80
CA ASN A 375 -12.94 30.23 -20.81
C ASN A 375 -12.15 31.52 -20.67
N LEU A 376 -10.93 31.54 -21.19
CA LEU A 376 -10.09 32.73 -21.14
C LEU A 376 -9.89 33.31 -22.53
N HIS A 377 -9.52 34.58 -22.58
CA HIS A 377 -9.25 35.27 -23.83
C HIS A 377 -10.47 35.27 -24.74
N PHE A 378 -11.61 35.65 -24.19
CA PHE A 378 -12.86 35.74 -24.94
C PHE A 378 -13.62 37.01 -24.61
N THR A 379 -14.21 37.62 -25.64
CA THR A 379 -15.00 38.83 -25.48
C THR A 379 -16.18 38.85 -26.44
N ARG A 380 -15.98 38.32 -27.64
CA ARG A 380 -17.00 38.40 -28.68
C ARG A 380 -16.82 37.31 -29.73
N LEU A 381 -17.92 36.66 -30.11
CA LEU A 381 -17.92 35.68 -31.19
C LEU A 381 -17.47 36.32 -32.50
N PRO A 382 -17.11 35.49 -33.50
CA PRO A 382 -16.81 36.08 -34.80
C PRO A 382 -18.10 36.50 -35.51
N ASP A 383 -18.11 37.70 -36.08
CA ASP A 383 -19.32 38.25 -36.70
C ASP A 383 -19.94 37.28 -37.70
N GLN A 384 -19.12 36.42 -38.29
CA GLN A 384 -19.60 35.45 -39.25
C GLN A 384 -20.44 34.37 -38.59
N MET A 385 -19.99 33.89 -37.43
CA MET A 385 -20.66 32.82 -36.71
C MET A 385 -21.49 33.35 -35.54
N ALA A 386 -21.76 34.65 -35.54
CA ALA A 386 -22.42 35.29 -34.40
C ALA A 386 -23.94 35.24 -34.50
N GLU A 387 -24.47 35.39 -35.71
CA GLU A 387 -25.91 35.57 -35.89
C GLU A 387 -26.70 34.26 -35.90
N ILE A 388 -26.05 33.15 -35.57
CA ILE A 388 -26.74 31.86 -35.53
C ILE A 388 -27.58 31.74 -34.26
N GLU A 389 -28.71 31.06 -34.37
CA GLU A 389 -29.66 30.95 -33.26
C GLU A 389 -29.32 29.81 -32.31
N THR A 390 -28.03 29.47 -32.20
CA THR A 390 -27.60 28.41 -31.30
C THR A 390 -27.66 28.86 -29.85
N GLY A 391 -28.01 27.93 -28.96
CA GLY A 391 -27.97 28.17 -27.54
C GLY A 391 -26.53 28.17 -27.03
N LEU A 392 -25.60 27.79 -27.92
CA LEU A 392 -24.19 27.76 -27.59
C LEU A 392 -23.70 29.11 -27.09
N PHE A 393 -23.01 29.11 -25.95
CA PHE A 393 -22.42 30.32 -25.40
C PHE A 393 -21.09 29.98 -24.73
N VAL A 394 -20.12 30.88 -24.88
CA VAL A 394 -18.82 30.71 -24.23
C VAL A 394 -18.88 31.28 -22.81
N PRO A 395 -18.48 30.48 -21.81
CA PRO A 395 -18.56 31.03 -20.45
C PRO A 395 -17.45 32.05 -20.16
N GLU A 396 -17.83 33.21 -19.64
CA GLU A 396 -16.89 34.28 -19.34
C GLU A 396 -16.56 34.30 -17.84
N THR A 397 -17.46 33.76 -17.04
CA THR A 397 -17.26 33.65 -15.60
C THR A 397 -17.68 32.26 -15.13
N ILE A 398 -17.74 32.06 -13.81
CA ILE A 398 -18.17 30.79 -13.26
C ILE A 398 -19.68 30.63 -13.43
N THR A 399 -20.08 29.80 -14.40
CA THR A 399 -21.48 29.66 -14.76
C THR A 399 -22.10 28.36 -14.20
N PRO A 400 -23.25 28.46 -13.51
CA PRO A 400 -23.96 27.26 -13.03
C PRO A 400 -24.40 26.35 -14.18
N TRP A 401 -24.80 25.12 -13.86
CA TRP A 401 -25.18 24.16 -14.90
C TRP A 401 -26.65 24.38 -15.34
N PRO A 402 -26.89 24.52 -16.67
CA PRO A 402 -28.20 24.91 -17.22
C PRO A 402 -29.45 24.16 -16.73
N VAL A 403 -29.51 22.84 -16.92
CA VAL A 403 -30.78 22.12 -16.84
C VAL A 403 -31.16 21.69 -15.41
N ARG A 404 -32.36 22.06 -15.00
CA ARG A 404 -32.93 21.66 -13.71
C ARG A 404 -34.13 20.74 -13.91
N GLU A 405 -34.10 19.97 -14.99
CA GLU A 405 -35.23 19.13 -15.39
C GLU A 405 -35.06 17.69 -14.90
N GLY A 406 -34.24 17.50 -13.87
CA GLY A 406 -34.03 16.20 -13.27
C GLY A 406 -33.35 15.23 -14.22
N GLN A 407 -32.42 15.75 -15.01
CA GLN A 407 -31.63 14.93 -15.93
C GLN A 407 -30.16 14.96 -15.53
N PRO A 408 -29.50 13.79 -15.52
CA PRO A 408 -28.07 13.80 -15.20
C PRO A 408 -27.28 14.68 -16.16
N ARG A 409 -26.35 15.47 -15.63
CA ARG A 409 -25.55 16.38 -16.45
C ARG A 409 -24.74 15.59 -17.47
N ARG A 410 -24.72 16.08 -18.71
CA ARG A 410 -24.00 15.43 -19.80
C ARG A 410 -23.07 16.40 -20.50
N ALA A 411 -21.94 15.87 -20.98
CA ALA A 411 -20.96 16.68 -21.68
C ALA A 411 -20.41 15.91 -22.87
N ALA A 412 -19.68 16.62 -23.73
CA ALA A 412 -19.06 16.01 -24.90
C ALA A 412 -17.66 16.56 -25.12
N VAL A 413 -16.79 15.72 -25.66
CA VAL A 413 -15.42 16.11 -25.95
C VAL A 413 -15.04 15.69 -27.37
N SER A 414 -14.17 16.47 -28.01
CA SER A 414 -13.74 16.18 -29.37
C SER A 414 -12.25 16.48 -29.56
N ALA A 415 -11.67 15.86 -30.57
CA ALA A 415 -10.25 16.06 -30.90
C ALA A 415 -9.99 15.58 -32.33
N TYR A 416 -9.40 16.47 -33.14
CA TYR A 416 -9.15 16.17 -34.55
C TYR A 416 -7.66 16.10 -34.84
N GLY A 417 -7.25 15.06 -35.55
CA GLY A 417 -5.86 14.88 -35.95
C GLY A 417 -5.57 15.53 -37.28
N LEU A 418 -4.29 15.78 -37.55
CA LEU A 418 -3.87 16.42 -38.79
C LEU A 418 -4.14 15.52 -39.99
N SER A 419 -4.10 14.21 -39.78
CA SER A 419 -4.31 13.25 -40.84
C SER A 419 -5.80 13.13 -41.22
N GLY A 420 -6.66 13.80 -40.46
CA GLY A 420 -8.09 13.80 -40.74
C GLY A 420 -8.86 12.85 -39.85
N THR A 421 -8.21 12.34 -38.81
CA THR A 421 -8.87 11.46 -37.86
C THR A 421 -9.64 12.27 -36.82
N ASN A 422 -10.96 12.16 -36.85
CA ASN A 422 -11.81 12.88 -35.91
C ASN A 422 -12.45 11.93 -34.91
N VAL A 423 -12.28 12.23 -33.61
CA VAL A 423 -12.85 11.43 -32.55
C VAL A 423 -13.73 12.27 -31.64
N HIS A 424 -14.85 11.69 -31.20
CA HIS A 424 -15.81 12.39 -30.37
C HIS A 424 -16.29 11.47 -29.25
N ALA A 425 -16.52 12.04 -28.07
CA ALA A 425 -16.96 11.27 -26.90
C ALA A 425 -18.09 11.99 -26.17
N VAL A 426 -19.03 11.21 -25.63
CA VAL A 426 -20.18 11.75 -24.92
C VAL A 426 -20.18 11.25 -23.48
N LEU A 427 -20.21 12.19 -22.54
CA LEU A 427 -20.10 11.86 -21.12
C LEU A 427 -21.40 12.10 -20.36
N GLU A 428 -21.46 11.53 -19.15
CA GLU A 428 -22.59 11.72 -18.25
C GLU A 428 -22.08 11.67 -16.81
N GLN A 429 -22.73 12.41 -15.91
CA GLN A 429 -22.28 12.45 -14.52
C GLN A 429 -22.43 11.06 -13.89
N ALA A 430 -21.68 10.84 -12.81
CA ALA A 430 -21.70 9.55 -12.13
C ALA A 430 -23.03 9.30 -11.44
N PRO A 431 -23.48 8.03 -11.37
CA PRO A 431 -24.73 7.73 -10.66
C PRO A 431 -24.69 8.13 -9.19
N GLU A 432 -25.79 8.66 -8.66
CA GLU A 432 -25.87 9.03 -7.25
C GLU A 432 -26.05 7.79 -6.39
N SER A 433 -25.43 7.80 -5.22
CA SER A 433 -25.53 6.68 -4.28
C SER A 433 -25.53 7.19 -2.84
N PRO A 434 -26.73 7.47 -2.29
CA PRO A 434 -26.81 8.01 -0.94
C PRO A 434 -26.80 6.91 0.13
N LYS A 445 -17.56 4.40 20.24
CA LYS A 445 -17.65 5.85 20.09
C LYS A 445 -16.32 6.42 19.60
N ALA A 446 -16.24 7.75 19.55
CA ALA A 446 -15.03 8.43 19.09
C ALA A 446 -13.95 8.41 20.17
N GLY A 447 -12.70 8.56 19.74
CA GLY A 447 -11.56 8.62 20.64
C GLY A 447 -10.57 7.50 20.42
N ASN A 448 -11.07 6.36 19.94
CA ASN A 448 -10.21 5.19 19.70
C ASN A 448 -9.19 5.45 18.59
N ALA A 449 -7.97 4.98 18.80
CA ALA A 449 -6.87 5.23 17.88
C ALA A 449 -6.98 4.41 16.60
N LEU A 450 -6.50 4.97 15.51
CA LEU A 450 -6.48 4.31 14.20
C LEU A 450 -5.06 4.25 13.67
N VAL A 451 -4.82 3.31 12.76
CA VAL A 451 -3.53 3.18 12.10
C VAL A 451 -3.57 3.85 10.74
N PHE A 452 -2.65 4.78 10.52
CA PHE A 452 -2.55 5.49 9.25
C PHE A 452 -1.26 5.16 8.53
N PRO A 453 -1.28 4.16 7.63
CA PRO A 453 -0.07 3.84 6.87
C PRO A 453 0.34 4.98 5.92
N VAL A 454 1.60 5.38 6.02
CA VAL A 454 2.16 6.39 5.12
C VAL A 454 3.52 5.90 4.61
N SER A 455 3.69 5.93 3.30
CA SER A 455 4.91 5.42 2.69
C SER A 455 5.32 6.22 1.45
N ALA A 456 6.58 6.08 1.07
CA ALA A 456 7.11 6.65 -0.16
C ALA A 456 8.33 5.85 -0.58
N SER A 457 8.81 6.10 -1.80
CA SER A 457 9.90 5.30 -2.36
C SER A 457 11.25 5.60 -1.73
N SER A 458 11.30 6.64 -0.88
CA SER A 458 12.53 6.98 -0.16
C SER A 458 12.21 7.77 1.10
N ALA A 459 13.21 7.89 1.97
CA ALA A 459 13.05 8.63 3.22
C ALA A 459 12.73 10.10 2.95
N ASP A 460 13.45 10.69 2.01
CA ASP A 460 13.20 12.07 1.61
C ASP A 460 11.77 12.24 1.09
N ALA A 461 11.34 11.32 0.25
CA ALA A 461 10.01 11.39 -0.35
C ALA A 461 8.93 11.22 0.71
N LEU A 462 9.22 10.42 1.73
CA LEU A 462 8.26 10.17 2.81
C LEU A 462 8.05 11.43 3.65
N ARG A 463 9.13 12.18 3.88
CA ARG A 463 9.03 13.41 4.64
C ARG A 463 8.16 14.43 3.92
N SER A 464 8.30 14.50 2.59
CA SER A 464 7.46 15.37 1.79
C SER A 464 6.02 14.89 1.80
N THR A 465 5.86 13.58 1.69
CA THR A 465 4.53 12.96 1.71
C THR A 465 3.81 13.26 3.02
N ALA A 466 4.50 13.07 4.13
CA ALA A 466 3.95 13.34 5.45
C ALA A 466 3.54 14.81 5.57
N GLN A 467 4.36 15.70 5.04
CA GLN A 467 4.10 17.13 5.09
C GLN A 467 2.85 17.48 4.26
N HIS A 468 2.75 16.88 3.08
CA HIS A 468 1.64 17.15 2.18
C HIS A 468 0.32 16.64 2.74
N LEU A 469 0.35 15.48 3.38
CA LEU A 469 -0.84 14.92 4.00
C LEU A 469 -1.28 15.78 5.19
N ALA A 470 -0.30 16.29 5.93
CA ALA A 470 -0.56 17.15 7.08
C ALA A 470 -1.22 18.45 6.64
N ASP A 471 -0.67 19.07 5.59
CA ASP A 471 -1.22 20.31 5.06
C ASP A 471 -2.63 20.07 4.51
N TRP A 472 -2.81 18.93 3.87
CA TRP A 472 -4.10 18.54 3.30
C TRP A 472 -5.17 18.45 4.39
N LEU A 473 -4.79 17.88 5.53
CA LEU A 473 -5.69 17.76 6.67
C LEU A 473 -6.05 19.13 7.25
N LEU A 474 -5.04 19.99 7.36
CA LEU A 474 -5.24 21.32 7.94
C LEU A 474 -5.99 22.23 7.00
N ARG A 475 -5.95 21.94 5.70
CA ARG A 475 -6.63 22.76 4.71
C ARG A 475 -8.14 22.67 4.91
N SER A 476 -8.63 21.45 5.12
CA SER A 476 -10.04 21.23 5.41
C SER A 476 -10.31 21.48 6.90
N GLY A 477 -11.52 21.16 7.35
CA GLY A 477 -11.88 21.32 8.74
C GLY A 477 -12.05 22.78 9.15
N ASP A 478 -12.10 23.67 8.17
CA ASP A 478 -12.27 25.09 8.43
C ASP A 478 -13.43 25.65 7.62
N GLY A 479 -14.21 26.53 8.25
CA GLY A 479 -15.18 27.32 7.53
C GLY A 479 -14.42 28.16 6.53
N ASN A 480 -15.05 28.44 5.38
CA ASN A 480 -14.43 29.10 4.22
C ASN A 480 -13.43 28.19 3.51
N GLY A 481 -13.24 26.99 4.05
CA GLY A 481 -12.56 25.91 3.35
C GLY A 481 -13.58 24.82 3.14
N ARG A 482 -13.14 23.62 2.78
CA ARG A 482 -14.04 22.46 2.74
C ARG A 482 -14.65 22.28 4.12
N GLY A 483 -15.85 22.84 4.28
CA GLY A 483 -16.53 22.93 5.56
C GLY A 483 -16.41 21.73 6.48
N PRO A 484 -16.90 20.56 6.03
CA PRO A 484 -16.89 19.38 6.89
C PRO A 484 -15.49 18.86 7.18
N ALA A 485 -15.27 18.39 8.40
CA ALA A 485 -13.98 17.83 8.79
C ALA A 485 -13.73 16.53 8.04
N ILE A 486 -12.46 16.27 7.73
CA ILE A 486 -12.08 15.03 7.06
C ILE A 486 -12.30 13.85 7.99
N ASP A 487 -13.07 12.88 7.53
CA ASP A 487 -13.35 11.68 8.33
C ASP A 487 -12.10 10.83 8.44
N LEU A 488 -11.52 10.78 9.64
CA LEU A 488 -10.27 10.06 9.87
C LEU A 488 -10.47 8.55 9.68
N GLY A 489 -11.68 8.07 9.93
CA GLY A 489 -12.00 6.67 9.73
C GLY A 489 -11.89 6.28 8.27
N ASP A 490 -12.42 7.14 7.40
CA ASP A 490 -12.35 6.91 5.96
C ASP A 490 -10.93 7.10 5.43
N LEU A 491 -10.20 8.03 6.04
CA LEU A 491 -8.82 8.28 5.65
C LEU A 491 -7.95 7.07 5.91
N ALA A 492 -8.07 6.51 7.12
CA ALA A 492 -7.32 5.32 7.48
C ALA A 492 -7.69 4.17 6.55
N TYR A 493 -8.97 4.05 6.25
CA TYR A 493 -9.46 3.03 5.33
C TYR A 493 -8.84 3.21 3.95
N THR A 494 -8.75 4.46 3.51
CA THR A 494 -8.17 4.77 2.21
C THR A 494 -6.70 4.38 2.15
N LEU A 495 -5.91 4.87 3.12
CA LEU A 495 -4.48 4.65 3.13
C LEU A 495 -4.12 3.18 3.33
N ALA A 496 -4.99 2.44 4.03
CA ALA A 496 -4.68 1.06 4.40
C ALA A 496 -5.17 0.05 3.36
N ARG A 497 -6.25 0.37 2.65
CA ARG A 497 -6.91 -0.60 1.76
C ARG A 497 -7.04 -0.13 0.31
N ARG A 498 -6.89 1.17 0.07
CA ARG A 498 -7.11 1.74 -1.25
C ARG A 498 -5.85 2.42 -1.79
N ARG A 499 -4.69 1.97 -1.33
CA ARG A 499 -3.41 2.54 -1.74
C ARG A 499 -2.33 1.46 -1.79
N GLY A 500 -1.31 1.71 -2.60
CA GLY A 500 -0.15 0.84 -2.65
C GLY A 500 0.84 1.19 -1.54
N PHE A 501 1.63 0.22 -1.13
CA PHE A 501 2.66 0.42 -0.11
C PHE A 501 4.03 0.50 -0.77
N ARG A 502 4.83 1.49 -0.35
CA ARG A 502 6.14 1.70 -0.94
C ARG A 502 7.26 1.37 0.06
N ALA A 503 8.51 1.55 -0.37
CA ALA A 503 9.66 1.01 0.36
C ALA A 503 9.87 1.65 1.74
N ALA A 504 9.99 2.98 1.77
CA ALA A 504 10.19 3.69 3.03
C ALA A 504 8.86 3.93 3.72
N ARG A 505 8.68 3.36 4.90
CA ARG A 505 7.37 3.34 5.55
C ARG A 505 7.36 3.89 6.97
N SER A 506 6.20 4.45 7.33
CA SER A 506 5.88 4.79 8.70
C SER A 506 4.39 4.51 8.88
N ALA A 507 3.91 4.59 10.11
CA ALA A 507 2.49 4.36 10.38
C ALA A 507 2.10 5.06 11.66
N VAL A 508 1.40 6.19 11.52
CA VAL A 508 1.03 7.00 12.66
C VAL A 508 -0.17 6.40 13.38
N LEU A 509 -0.16 6.52 14.70
CA LEU A 509 -1.26 6.09 15.55
C LEU A 509 -1.96 7.33 16.11
N ALA A 510 -3.26 7.45 15.86
CA ALA A 510 -3.99 8.65 16.27
C ALA A 510 -5.50 8.41 16.35
N GLY A 511 -6.15 9.12 17.27
CA GLY A 511 -7.59 9.05 17.45
C GLY A 511 -8.27 10.37 17.12
N ASP A 512 -7.47 11.38 16.78
CA ASP A 512 -8.00 12.68 16.38
C ASP A 512 -7.06 13.35 15.39
N ARG A 513 -7.48 14.48 14.84
CA ARG A 513 -6.71 15.18 13.82
C ARG A 513 -5.41 15.73 14.39
N GLY A 514 -5.48 16.32 15.57
CA GLY A 514 -4.32 16.93 16.21
C GLY A 514 -3.15 15.99 16.35
N THR A 515 -3.39 14.83 16.96
CA THR A 515 -2.33 13.86 17.20
C THR A 515 -1.83 13.24 15.90
N LEU A 516 -2.68 13.21 14.88
CA LEU A 516 -2.28 12.70 13.56
C LEU A 516 -1.36 13.68 12.86
N VAL A 517 -1.69 14.96 12.93
CA VAL A 517 -0.85 16.01 12.36
C VAL A 517 0.53 16.01 13.03
N GLU A 518 0.54 16.00 14.35
CA GLU A 518 1.80 15.96 15.11
C GLU A 518 2.62 14.75 14.71
N GLY A 519 1.94 13.62 14.52
CA GLY A 519 2.61 12.40 14.08
C GLY A 519 3.27 12.57 12.73
N LEU A 520 2.60 13.30 11.84
CA LEU A 520 3.12 13.51 10.49
C LEU A 520 4.25 14.55 10.50
N ARG A 521 4.12 15.54 11.38
CA ARG A 521 5.16 16.55 11.54
C ARG A 521 6.47 15.88 11.93
N GLN A 522 6.40 14.95 12.88
CA GLN A 522 7.58 14.27 13.39
C GLN A 522 8.31 13.55 12.27
N ILE A 523 7.55 12.94 11.37
CA ILE A 523 8.11 12.31 10.18
C ILE A 523 8.74 13.37 9.28
N ALA A 524 7.97 14.43 9.00
CA ALA A 524 8.38 15.47 8.06
C ALA A 524 9.62 16.22 8.52
N ASP A 525 9.72 16.47 9.84
CA ASP A 525 10.83 17.25 10.37
C ASP A 525 12.03 16.37 10.73
N GLY A 526 11.93 15.09 10.42
CA GLY A 526 13.04 14.17 10.62
C GLY A 526 13.22 13.74 12.06
N GLU A 527 12.16 13.84 12.87
CA GLU A 527 12.20 13.41 14.26
C GLU A 527 11.93 11.91 14.36
N ALA A 528 10.91 11.46 13.64
CA ALA A 528 10.63 10.04 13.51
C ALA A 528 11.39 9.47 12.31
N MET A 529 12.07 8.36 12.51
CA MET A 529 12.83 7.72 11.43
C MET A 529 11.98 6.66 10.74
N PRO A 530 12.09 6.58 9.39
CA PRO A 530 11.30 5.59 8.65
C PRO A 530 11.84 4.16 8.74
N GLN A 531 10.95 3.20 8.53
CA GLN A 531 11.31 1.79 8.44
C GLN A 531 11.43 1.41 6.95
N GLN A 532 12.55 0.79 6.60
CA GLN A 532 12.71 0.22 5.27
C GLN A 532 12.11 -1.18 5.25
N ALA A 533 11.06 -1.37 4.46
CA ALA A 533 10.40 -2.67 4.37
C ALA A 533 11.38 -3.73 3.89
N VAL A 534 11.32 -4.91 4.50
CA VAL A 534 12.23 -6.01 4.17
C VAL A 534 11.53 -7.11 3.38
N THR A 535 10.20 -7.03 3.30
CA THR A 535 9.41 -7.92 2.46
C THR A 535 8.22 -7.17 1.89
N ASN A 536 7.54 -7.77 0.90
CA ASN A 536 6.55 -7.05 0.12
C ASN A 536 5.11 -7.44 0.45
N ASP A 537 4.78 -7.46 1.75
CA ASP A 537 3.41 -7.69 2.20
C ASP A 537 2.81 -8.98 1.67
N ASP A 538 3.67 -9.95 1.36
CA ASP A 538 3.24 -11.18 0.71
C ASP A 538 3.12 -12.37 1.67
N ARG A 539 3.59 -12.19 2.90
CA ARG A 539 3.53 -13.26 3.89
C ARG A 539 3.49 -12.71 5.32
N GLY A 540 2.87 -13.47 6.20
CA GLY A 540 2.77 -13.10 7.61
C GLY A 540 4.12 -13.16 8.30
N PRO A 541 4.22 -12.51 9.47
CA PRO A 541 5.48 -12.50 10.22
C PRO A 541 5.74 -13.81 10.94
N VAL A 542 6.98 -14.03 11.39
CA VAL A 542 7.31 -15.19 12.19
C VAL A 542 7.06 -14.90 13.66
N TRP A 543 6.14 -15.63 14.28
CA TRP A 543 5.94 -15.55 15.71
C TRP A 543 7.05 -16.32 16.42
N VAL A 544 7.80 -15.63 17.27
CA VAL A 544 8.86 -16.24 18.06
C VAL A 544 8.38 -16.39 19.51
N PHE A 545 8.32 -17.63 19.98
CA PHE A 545 7.86 -17.91 21.35
C PHE A 545 9.03 -18.29 22.25
N SER A 546 9.41 -17.35 23.12
CA SER A 546 10.53 -17.54 24.04
C SER A 546 10.09 -18.30 25.29
N GLY A 547 11.03 -18.49 26.22
CA GLY A 547 10.78 -19.28 27.42
C GLY A 547 10.69 -18.47 28.70
N GLN A 548 11.19 -19.06 29.78
CA GLN A 548 11.06 -18.50 31.12
C GLN A 548 11.97 -17.29 31.33
N GLY A 549 11.54 -16.36 32.20
CA GLY A 549 12.37 -15.25 32.61
C GLY A 549 11.93 -13.89 32.13
N SER A 550 10.85 -13.86 31.34
CA SER A 550 10.34 -12.61 30.78
C SER A 550 9.25 -11.98 31.64
N GLN A 551 8.76 -12.72 32.62
CA GLN A 551 7.61 -12.30 33.40
C GLN A 551 7.87 -11.02 34.21
N TRP A 552 6.85 -10.19 34.35
CA TRP A 552 6.91 -9.00 35.19
C TRP A 552 5.56 -8.70 35.83
N ALA A 553 5.57 -7.85 36.86
CA ALA A 553 4.40 -7.61 37.69
C ALA A 553 3.24 -6.97 36.93
N SER A 554 2.07 -7.60 37.02
CA SER A 554 0.85 -7.11 36.37
C SER A 554 1.01 -7.01 34.86
N MET A 555 1.80 -7.91 34.29
CA MET A 555 2.14 -7.85 32.87
C MET A 555 0.90 -7.97 31.95
N GLY A 556 -0.15 -8.63 32.43
CA GLY A 556 -1.33 -8.85 31.63
C GLY A 556 -2.46 -7.87 31.90
N ALA A 557 -2.29 -7.02 32.91
CA ALA A 557 -3.36 -6.16 33.38
C ALA A 557 -3.95 -5.24 32.31
N GLU A 558 -3.09 -4.48 31.62
CA GLU A 558 -3.57 -3.46 30.70
C GLU A 558 -4.16 -4.05 29.43
N LEU A 559 -3.59 -5.14 28.94
CA LEU A 559 -4.08 -5.76 27.72
C LEU A 559 -5.42 -6.46 27.96
N LEU A 560 -5.64 -6.91 29.19
CA LEU A 560 -6.92 -7.53 29.54
C LEU A 560 -8.06 -6.52 29.44
N ASP A 561 -7.75 -5.25 29.66
CA ASP A 561 -8.75 -4.18 29.60
C ASP A 561 -8.86 -3.58 28.19
N ARG A 562 -7.79 -3.63 27.43
CA ARG A 562 -7.69 -2.91 26.16
C ARG A 562 -7.85 -3.78 24.93
N GLU A 563 -7.60 -5.08 25.06
CA GLU A 563 -7.70 -6.02 23.94
C GLU A 563 -8.72 -7.13 24.25
N PRO A 564 -9.98 -6.96 23.78
CA PRO A 564 -11.02 -7.95 24.04
C PRO A 564 -10.64 -9.37 23.65
N ALA A 565 -9.91 -9.51 22.54
CA ALA A 565 -9.51 -10.82 22.05
C ALA A 565 -8.45 -11.43 22.97
N PHE A 566 -7.63 -10.58 23.58
CA PHE A 566 -6.65 -11.04 24.55
C PHE A 566 -7.36 -11.55 25.80
N ALA A 567 -8.35 -10.78 26.25
CA ALA A 567 -9.12 -11.15 27.44
C ALA A 567 -9.94 -12.40 27.21
N ALA A 568 -10.47 -12.55 26.00
CA ALA A 568 -11.27 -13.72 25.64
C ALA A 568 -10.43 -14.99 25.67
N ALA A 569 -9.21 -14.89 25.17
CA ALA A 569 -8.31 -16.05 25.14
C ALA A 569 -7.90 -16.47 26.56
N ILE A 570 -7.63 -15.49 27.41
CA ILE A 570 -7.28 -15.75 28.79
C ILE A 570 -8.46 -16.34 29.56
N ALA A 571 -9.65 -15.84 29.26
CA ALA A 571 -10.87 -16.31 29.92
C ALA A 571 -11.14 -17.78 29.58
N GLU A 572 -10.76 -18.18 28.36
CA GLU A 572 -10.93 -19.57 27.94
C GLU A 572 -9.90 -20.47 28.61
N LEU A 573 -8.70 -19.93 28.82
CA LEU A 573 -7.61 -20.67 29.45
C LEU A 573 -7.80 -20.79 30.96
N GLU A 574 -8.49 -19.83 31.56
CA GLU A 574 -8.65 -19.75 33.01
C GLU A 574 -9.11 -21.07 33.63
N PRO A 575 -10.25 -21.62 33.18
CA PRO A 575 -10.70 -22.88 33.78
C PRO A 575 -9.80 -24.08 33.46
N LEU A 576 -9.18 -24.07 32.28
CA LEU A 576 -8.31 -25.17 31.88
C LEU A 576 -7.07 -25.28 32.76
N ILE A 577 -6.37 -24.17 32.92
CA ILE A 577 -5.17 -24.14 33.73
C ILE A 577 -5.50 -24.40 35.20
N ALA A 578 -6.66 -23.94 35.63
CA ALA A 578 -7.10 -24.15 37.01
C ALA A 578 -7.27 -25.63 37.31
N ALA A 579 -7.85 -26.37 36.36
CA ALA A 579 -8.12 -27.79 36.55
C ALA A 579 -6.83 -28.61 36.62
N GLU A 580 -5.76 -28.09 36.01
CA GLU A 580 -4.50 -28.80 35.93
C GLU A 580 -3.52 -28.39 37.04
N SER A 581 -3.49 -27.11 37.38
CA SER A 581 -2.47 -26.58 38.29
C SER A 581 -3.06 -25.91 39.54
N ASP A 582 -4.39 -25.80 39.58
CA ASP A 582 -5.08 -25.29 40.77
C ASP A 582 -4.66 -23.86 41.12
N PHE A 583 -4.68 -22.97 40.14
CA PHE A 583 -4.47 -21.55 40.39
C PHE A 583 -5.05 -20.71 39.26
N SER A 584 -5.36 -19.46 39.56
CA SER A 584 -5.97 -18.55 38.59
C SER A 584 -4.92 -17.80 37.78
N VAL A 585 -4.89 -18.04 36.48
CA VAL A 585 -3.92 -17.38 35.60
C VAL A 585 -4.26 -15.90 35.46
N THR A 586 -5.56 -15.59 35.49
CA THR A 586 -6.01 -14.21 35.43
C THR A 586 -5.53 -13.43 36.64
N GLU A 587 -5.60 -14.07 37.81
CA GLU A 587 -5.12 -13.47 39.05
C GLU A 587 -3.62 -13.19 38.96
N ALA A 588 -2.87 -14.16 38.46
CA ALA A 588 -1.43 -14.03 38.31
C ALA A 588 -1.05 -12.89 37.38
N LEU A 589 -1.87 -12.66 36.36
CA LEU A 589 -1.59 -11.63 35.36
C LEU A 589 -1.95 -10.23 35.84
N THR A 590 -2.76 -10.14 36.89
CA THR A 590 -3.23 -8.85 37.40
C THR A 590 -2.69 -8.56 38.80
N ALA A 591 -1.89 -9.48 39.34
CA ALA A 591 -1.33 -9.32 40.68
C ALA A 591 -0.29 -8.20 40.69
N SER A 592 -0.14 -7.55 41.84
CA SER A 592 0.78 -6.43 41.98
C SER A 592 2.24 -6.89 41.97
N GLU A 593 2.44 -8.19 42.13
CA GLU A 593 3.78 -8.77 42.15
C GLU A 593 3.96 -9.77 41.00
N THR A 594 5.21 -9.94 40.56
CA THR A 594 5.53 -10.86 39.47
C THR A 594 5.23 -12.31 39.87
N VAL A 595 4.75 -13.11 38.93
CA VAL A 595 4.51 -14.53 39.16
C VAL A 595 5.85 -15.23 39.40
N THR A 596 5.88 -16.16 40.35
CA THR A 596 7.15 -16.72 40.83
C THR A 596 7.20 -18.25 40.92
N GLY A 597 6.08 -18.87 41.28
CA GLY A 597 6.07 -20.30 41.55
C GLY A 597 6.41 -21.18 40.36
N ILE A 598 7.16 -22.24 40.60
CA ILE A 598 7.48 -23.23 39.57
C ILE A 598 6.20 -23.74 38.91
N ASP A 599 5.17 -23.91 39.73
CA ASP A 599 3.87 -24.37 39.26
C ASP A 599 3.14 -23.32 38.42
N ARG A 600 3.57 -22.07 38.52
CA ARG A 600 2.81 -20.94 37.99
C ARG A 600 3.45 -20.21 36.81
N VAL A 601 4.78 -20.10 36.80
CA VAL A 601 5.45 -19.21 35.84
C VAL A 601 5.24 -19.62 34.39
N GLN A 602 5.62 -20.84 34.03
CA GLN A 602 5.58 -21.27 32.64
C GLN A 602 4.16 -21.34 32.07
N PRO A 603 3.19 -21.85 32.85
CA PRO A 603 1.82 -21.82 32.34
C PRO A 603 1.29 -20.40 32.16
N THR A 604 1.71 -19.48 33.03
CA THR A 604 1.29 -18.09 32.93
C THR A 604 1.86 -17.46 31.67
N ILE A 605 3.15 -17.70 31.43
CA ILE A 605 3.79 -17.22 30.22
C ILE A 605 3.12 -17.81 28.99
N PHE A 606 2.86 -19.12 29.04
CA PHE A 606 2.18 -19.81 27.96
C PHE A 606 0.83 -19.15 27.63
N ALA A 607 0.13 -18.71 28.67
CA ALA A 607 -1.19 -18.10 28.50
C ALA A 607 -1.08 -16.76 27.77
N VAL A 608 -0.11 -15.95 28.16
CA VAL A 608 0.10 -14.66 27.51
C VAL A 608 0.45 -14.85 26.05
N GLN A 609 1.31 -15.82 25.76
CA GLN A 609 1.76 -16.08 24.40
C GLN A 609 0.61 -16.47 23.48
N VAL A 610 -0.27 -17.36 23.95
CA VAL A 610 -1.44 -17.76 23.18
C VAL A 610 -2.40 -16.59 23.03
N ALA A 611 -2.57 -15.83 24.11
CA ALA A 611 -3.48 -14.69 24.10
C ALA A 611 -3.02 -13.62 23.12
N LEU A 612 -1.72 -13.36 23.08
CA LEU A 612 -1.16 -12.37 22.16
C LEU A 612 -1.44 -12.77 20.71
N ALA A 613 -1.24 -14.05 20.41
CA ALA A 613 -1.44 -14.55 19.06
C ALA A 613 -2.89 -14.41 18.63
N ALA A 614 -3.80 -14.66 19.56
CA ALA A 614 -5.24 -14.54 19.30
C ALA A 614 -5.62 -13.09 19.04
N ALA A 615 -5.03 -12.18 19.83
CA ALA A 615 -5.32 -10.76 19.70
C ALA A 615 -4.84 -10.23 18.34
N MET A 616 -3.67 -10.67 17.92
CA MET A 616 -3.12 -10.26 16.63
C MET A 616 -3.96 -10.76 15.47
N ARG A 617 -4.43 -11.99 15.59
CA ARG A 617 -5.30 -12.57 14.57
C ARG A 617 -6.58 -11.74 14.44
N SER A 618 -7.06 -11.23 15.56
CA SER A 618 -8.27 -10.42 15.58
C SER A 618 -8.03 -9.04 14.95
N HIS A 619 -6.76 -8.73 14.69
CA HIS A 619 -6.38 -7.48 14.04
C HIS A 619 -5.95 -7.73 12.59
N GLY A 620 -6.14 -8.95 12.13
CA GLY A 620 -5.83 -9.30 10.75
C GLY A 620 -4.36 -9.63 10.52
N VAL A 621 -3.68 -10.08 11.58
CA VAL A 621 -2.27 -10.47 11.49
C VAL A 621 -2.10 -11.94 11.83
N VAL A 622 -1.98 -12.77 10.79
CA VAL A 622 -1.73 -14.20 10.94
C VAL A 622 -0.27 -14.49 10.63
N PRO A 623 0.35 -15.41 11.38
CA PRO A 623 1.79 -15.65 11.17
C PRO A 623 2.09 -16.43 9.90
N GLY A 624 3.22 -16.14 9.29
CA GLY A 624 3.70 -16.90 8.14
C GLY A 624 4.49 -18.11 8.60
N ALA A 625 4.86 -18.12 9.88
CA ALA A 625 5.58 -19.23 10.48
C ALA A 625 5.66 -19.04 11.99
N VAL A 626 6.11 -20.08 12.69
CA VAL A 626 6.32 -19.99 14.14
C VAL A 626 7.62 -20.66 14.53
N ILE A 627 8.24 -20.14 15.58
CA ILE A 627 9.43 -20.75 16.18
C ILE A 627 9.33 -20.68 17.69
N GLY A 628 9.46 -21.84 18.33
CA GLY A 628 9.44 -21.92 19.78
C GLY A 628 10.82 -22.14 20.36
N HIS A 629 10.96 -21.79 21.63
CA HIS A 629 12.22 -21.95 22.35
C HIS A 629 11.91 -22.59 23.69
N SER A 630 12.32 -23.85 23.85
CA SER A 630 12.04 -24.60 25.06
C SER A 630 10.53 -24.66 25.30
N MET A 631 10.06 -24.20 26.46
CA MET A 631 8.64 -24.20 26.76
C MET A 631 7.83 -23.40 25.74
N GLY A 632 8.49 -22.49 25.03
CA GLY A 632 7.83 -21.68 24.03
C GLY A 632 7.22 -22.49 22.91
N GLU A 633 7.78 -23.67 22.67
CA GLU A 633 7.28 -24.56 21.62
C GLU A 633 5.85 -25.02 21.89
N VAL A 634 5.43 -24.97 23.16
CA VAL A 634 4.08 -25.40 23.50
C VAL A 634 3.06 -24.42 22.91
N ALA A 635 3.27 -23.12 23.15
CA ALA A 635 2.39 -22.10 22.60
C ALA A 635 2.49 -22.08 21.07
N ALA A 636 3.71 -22.29 20.57
CA ALA A 636 3.95 -22.38 19.14
C ALA A 636 3.13 -23.50 18.51
N SER A 637 3.01 -24.61 19.23
CA SER A 637 2.27 -25.77 18.74
C SER A 637 0.77 -25.48 18.69
N VAL A 638 0.28 -24.70 19.64
CA VAL A 638 -1.14 -24.36 19.69
C VAL A 638 -1.49 -23.35 18.59
N VAL A 639 -0.69 -22.29 18.50
CA VAL A 639 -0.94 -21.23 17.54
C VAL A 639 -0.83 -21.74 16.10
N SER A 640 0.04 -22.71 15.88
CA SER A 640 0.22 -23.28 14.55
C SER A 640 -0.85 -24.32 14.24
N GLY A 641 -1.55 -24.78 15.29
CA GLY A 641 -2.62 -25.74 15.13
C GLY A 641 -2.19 -27.19 15.32
N ALA A 642 -0.94 -27.39 15.74
CA ALA A 642 -0.43 -28.73 15.96
C ALA A 642 -1.10 -29.39 17.17
N LEU A 643 -1.37 -28.59 18.20
CA LEU A 643 -2.07 -29.05 19.39
C LEU A 643 -3.30 -28.20 19.65
N SER A 644 -4.34 -28.82 20.20
CA SER A 644 -5.52 -28.08 20.64
C SER A 644 -5.14 -27.21 21.82
N LEU A 645 -6.01 -26.26 22.16
CA LEU A 645 -5.79 -25.41 23.32
C LEU A 645 -5.74 -26.28 24.57
N GLU A 646 -6.60 -27.29 24.62
CA GLU A 646 -6.69 -28.18 25.77
C GLU A 646 -5.41 -28.98 25.98
N ASP A 647 -4.88 -29.54 24.89
CA ASP A 647 -3.66 -30.34 24.95
C ASP A 647 -2.45 -29.48 25.31
N GLY A 648 -2.41 -28.27 24.77
CA GLY A 648 -1.35 -27.34 25.09
C GLY A 648 -1.27 -27.07 26.59
N VAL A 649 -2.43 -26.89 27.20
CA VAL A 649 -2.50 -26.70 28.64
C VAL A 649 -1.97 -27.92 29.38
N LYS A 650 -2.36 -29.10 28.91
CA LYS A 650 -1.91 -30.36 29.52
C LYS A 650 -0.38 -30.47 29.49
N VAL A 651 0.22 -30.09 28.36
CA VAL A 651 1.66 -30.18 28.21
C VAL A 651 2.39 -29.24 29.18
N ILE A 652 2.07 -27.95 29.11
CA ILE A 652 2.79 -26.95 29.90
C ILE A 652 2.56 -27.16 31.40
N CYS A 653 1.35 -27.54 31.78
CA CYS A 653 1.02 -27.71 33.20
C CYS A 653 1.62 -28.98 33.78
N ARG A 654 1.52 -30.08 33.06
CA ARG A 654 2.01 -31.37 33.57
C ARG A 654 3.54 -31.44 33.53
N ARG A 655 4.15 -30.72 32.60
CA ARG A 655 5.60 -30.56 32.57
C ARG A 655 6.09 -29.95 33.88
N THR A 656 5.57 -28.77 34.20
CA THR A 656 6.03 -28.02 35.36
C THR A 656 5.76 -28.73 36.67
N ARG A 657 4.62 -29.42 36.75
CA ARG A 657 4.26 -30.16 37.95
C ARG A 657 5.29 -31.24 38.25
N LEU A 658 5.86 -31.84 37.20
CA LEU A 658 6.88 -32.85 37.36
C LEU A 658 8.26 -32.23 37.56
N MET A 659 8.48 -31.09 36.90
CA MET A 659 9.75 -30.38 37.03
C MET A 659 9.94 -29.88 38.46
N THR A 660 8.84 -29.70 39.18
CA THR A 660 8.89 -29.33 40.59
C THR A 660 9.73 -30.32 41.38
N ARG A 661 9.65 -31.59 40.98
CA ARG A 661 10.28 -32.68 41.69
C ARG A 661 11.81 -32.59 41.67
N ILE A 662 12.35 -31.82 40.74
CA ILE A 662 13.80 -31.71 40.56
C ILE A 662 14.29 -30.27 40.68
N ALA A 663 13.49 -29.42 41.29
CA ALA A 663 13.86 -28.03 41.50
C ALA A 663 15.09 -27.93 42.42
N GLY A 664 16.04 -27.07 42.07
CA GLY A 664 17.20 -26.85 42.88
C GLY A 664 18.38 -27.73 42.52
N SER A 665 18.15 -28.72 41.65
CA SER A 665 19.21 -29.63 41.22
C SER A 665 19.86 -29.17 39.93
N GLY A 666 21.19 -29.08 39.95
CA GLY A 666 21.95 -28.70 38.78
C GLY A 666 21.96 -27.20 38.54
N ALA A 667 22.71 -26.78 37.53
CA ALA A 667 22.86 -25.36 37.21
C ALA A 667 23.00 -25.17 35.71
N MET A 668 22.89 -23.91 35.28
CA MET A 668 23.07 -23.55 33.88
C MET A 668 23.90 -22.28 33.79
N ALA A 669 24.65 -22.14 32.69
CA ALA A 669 25.54 -20.99 32.53
C ALA A 669 25.68 -20.60 31.07
N MET A 670 25.77 -19.29 30.83
CA MET A 670 26.00 -18.76 29.49
C MET A 670 27.49 -18.55 29.27
N VAL A 671 28.00 -19.04 28.15
CA VAL A 671 29.40 -18.88 27.79
C VAL A 671 29.51 -18.29 26.39
N GLU A 672 30.44 -17.35 26.22
CA GLU A 672 30.61 -16.65 24.96
C GLU A 672 31.55 -17.40 24.01
N LEU A 673 31.11 -18.58 23.59
CA LEU A 673 31.86 -19.38 22.62
C LEU A 673 30.88 -20.04 21.66
N PRO A 674 31.32 -20.32 20.42
CA PRO A 674 30.46 -21.07 19.51
C PRO A 674 30.16 -22.46 20.06
N ALA A 675 28.99 -22.99 19.74
CA ALA A 675 28.55 -24.27 20.28
C ALA A 675 29.57 -25.38 20.01
N GLN A 676 30.16 -25.36 18.82
CA GLN A 676 31.08 -26.42 18.42
C GLN A 676 32.36 -26.40 19.26
N GLN A 677 32.82 -25.21 19.62
CA GLN A 677 34.01 -25.07 20.46
C GLN A 677 33.72 -25.59 21.88
N VAL A 678 32.56 -25.22 22.41
CA VAL A 678 32.15 -25.68 23.73
C VAL A 678 32.08 -27.21 23.75
N LEU A 679 31.43 -27.77 22.73
CA LEU A 679 31.26 -29.21 22.63
C LEU A 679 32.60 -29.93 22.56
N SER A 680 33.59 -29.27 21.96
CA SER A 680 34.92 -29.85 21.83
C SER A 680 35.66 -29.86 23.17
N GLU A 681 35.55 -28.76 23.91
CA GLU A 681 36.23 -28.63 25.19
C GLU A 681 35.64 -29.60 26.22
N LEU A 682 34.33 -29.82 26.16
CA LEU A 682 33.68 -30.76 27.06
C LEU A 682 34.15 -32.19 26.78
N ALA A 683 34.41 -32.48 25.52
CA ALA A 683 34.84 -33.82 25.11
C ALA A 683 36.31 -34.04 25.44
N SER A 684 37.13 -33.04 25.19
CA SER A 684 38.58 -33.15 25.42
C SER A 684 38.90 -33.18 26.91
N ARG A 685 37.98 -32.68 27.73
CA ARG A 685 38.17 -32.63 29.18
C ARG A 685 37.46 -33.78 29.89
N GLY A 686 36.81 -34.63 29.12
CA GLY A 686 36.16 -35.81 29.68
C GLY A 686 34.89 -35.50 30.46
N VAL A 687 34.35 -34.30 30.26
CA VAL A 687 33.13 -33.89 30.93
C VAL A 687 31.91 -34.48 30.23
N ASP A 688 31.06 -35.17 30.98
CA ASP A 688 29.85 -35.78 30.43
C ASP A 688 28.62 -35.49 31.29
N ASP A 689 28.83 -34.89 32.46
CA ASP A 689 27.72 -34.50 33.33
C ASP A 689 27.32 -33.04 33.07
N VAL A 690 27.88 -32.46 32.03
CA VAL A 690 27.48 -31.14 31.55
C VAL A 690 27.34 -31.19 30.02
N VAL A 691 26.23 -30.67 29.51
CA VAL A 691 25.93 -30.75 28.09
C VAL A 691 25.52 -29.38 27.54
N LEU A 692 25.34 -29.32 26.22
CA LEU A 692 24.83 -28.12 25.57
C LEU A 692 23.32 -28.04 25.77
N SER A 693 22.86 -26.97 26.41
CA SER A 693 21.45 -26.82 26.72
C SER A 693 20.72 -25.92 25.73
N VAL A 694 21.38 -24.85 25.30
CA VAL A 694 20.78 -23.90 24.37
C VAL A 694 21.80 -23.36 23.37
N VAL A 695 21.43 -23.40 22.10
CA VAL A 695 22.21 -22.78 21.04
C VAL A 695 21.33 -21.77 20.32
N ALA A 696 21.22 -20.57 20.90
CA ALA A 696 20.32 -19.55 20.39
C ALA A 696 21.04 -18.52 19.52
N SER A 697 22.37 -18.54 19.57
CA SER A 697 23.18 -17.59 18.81
C SER A 697 24.49 -18.23 18.40
N PRO A 698 25.03 -17.84 17.23
CA PRO A 698 26.26 -18.46 16.71
C PRO A 698 27.51 -18.20 17.57
N GLN A 699 27.44 -17.25 18.49
CA GLN A 699 28.59 -16.89 19.31
C GLN A 699 28.32 -17.01 20.80
N SER A 700 27.13 -17.49 21.16
CA SER A 700 26.74 -17.66 22.55
C SER A 700 26.11 -19.03 22.78
N THR A 701 26.54 -19.71 23.84
CA THR A 701 26.05 -21.06 24.15
C THR A 701 25.71 -21.20 25.64
N VAL A 702 24.64 -21.94 25.92
CA VAL A 702 24.27 -22.25 27.29
C VAL A 702 24.53 -23.72 27.59
N VAL A 703 25.26 -23.99 28.66
CA VAL A 703 25.50 -25.36 29.12
C VAL A 703 24.68 -25.63 30.36
N GLY A 704 24.50 -26.91 30.68
CA GLY A 704 23.70 -27.30 31.84
C GLY A 704 24.06 -28.67 32.36
N GLY A 705 23.89 -28.87 33.67
CA GLY A 705 24.20 -30.14 34.30
C GLY A 705 24.54 -30.00 35.77
N ALA A 706 25.45 -30.85 36.23
CA ALA A 706 25.85 -30.85 37.63
C ALA A 706 26.42 -29.50 38.06
N THR A 707 25.90 -28.97 39.16
CA THR A 707 26.28 -27.65 39.66
C THR A 707 27.79 -27.48 39.78
N ALA A 708 28.45 -28.44 40.44
CA ALA A 708 29.88 -28.37 40.68
C ALA A 708 30.67 -28.34 39.37
N SER A 709 30.23 -29.14 38.40
CA SER A 709 30.93 -29.24 37.12
C SER A 709 30.74 -27.98 36.29
N VAL A 710 29.57 -27.36 36.41
CA VAL A 710 29.29 -26.13 35.66
C VAL A 710 30.14 -24.98 36.19
N ARG A 711 30.13 -24.78 37.50
CA ARG A 711 30.89 -23.70 38.12
C ARG A 711 32.39 -23.92 37.96
N GLU A 712 32.80 -25.17 37.84
CA GLU A 712 34.19 -25.51 37.57
C GLU A 712 34.58 -25.02 36.17
N LEU A 713 33.69 -25.25 35.21
CA LEU A 713 33.94 -24.84 33.83
C LEU A 713 33.93 -23.32 33.69
N ILE A 714 33.08 -22.66 34.47
CA ILE A 714 32.99 -21.20 34.45
C ILE A 714 34.33 -20.58 34.81
N GLU A 715 34.92 -21.04 35.91
CA GLU A 715 36.21 -20.51 36.38
C GLU A 715 37.31 -20.79 35.36
N MET A 716 37.27 -21.98 34.77
CA MET A 716 38.26 -22.37 33.78
C MET A 716 38.20 -21.44 32.56
N TRP A 717 37.00 -21.01 32.21
CA TRP A 717 36.80 -20.11 31.09
C TRP A 717 37.12 -18.66 31.47
N GLU A 718 36.71 -18.27 32.67
CA GLU A 718 36.94 -16.90 33.15
C GLU A 718 38.43 -16.59 33.25
N SER A 719 39.19 -17.51 33.84
CA SER A 719 40.62 -17.33 34.00
C SER A 719 41.33 -17.30 32.65
N ARG A 720 40.66 -17.81 31.63
CA ARG A 720 41.23 -17.86 30.28
C ARG A 720 40.83 -16.63 29.46
N GLY A 721 40.02 -15.75 30.04
CA GLY A 721 39.60 -14.53 29.39
C GLY A 721 38.26 -14.63 28.69
N VAL A 722 37.59 -15.77 28.84
CA VAL A 722 36.28 -16.00 28.22
C VAL A 722 35.16 -15.71 29.21
N MET A 723 34.18 -14.92 28.80
CA MET A 723 33.06 -14.59 29.67
C MET A 723 32.15 -15.79 29.87
N ALA A 724 31.93 -16.16 31.12
CA ALA A 724 31.05 -17.26 31.48
C ALA A 724 30.32 -16.92 32.77
N ARG A 725 28.99 -16.87 32.69
CA ARG A 725 28.17 -16.45 33.83
C ARG A 725 27.02 -17.42 34.08
N GLU A 726 26.89 -17.82 35.34
CA GLU A 726 25.83 -18.73 35.77
C GLU A 726 24.47 -18.07 35.65
N ILE A 727 23.47 -18.86 35.28
CA ILE A 727 22.10 -18.37 35.14
C ILE A 727 21.24 -18.88 36.29
N ALA A 728 20.45 -17.98 36.86
CA ALA A 728 19.53 -18.35 37.94
C ALA A 728 18.34 -19.12 37.38
N VAL A 729 18.22 -20.38 37.79
CA VAL A 729 17.15 -21.25 37.31
C VAL A 729 16.68 -22.18 38.42
N ASP A 730 15.37 -22.44 38.45
CA ASP A 730 14.82 -23.41 39.38
C ASP A 730 15.21 -24.82 38.93
N VAL A 731 15.07 -25.07 37.64
CA VAL A 731 15.30 -26.40 37.07
C VAL A 731 16.34 -26.34 35.95
N ALA A 732 17.35 -27.20 36.03
CA ALA A 732 18.37 -27.29 35.01
C ALA A 732 17.85 -28.11 33.83
N SER A 733 16.92 -27.53 33.08
CA SER A 733 16.33 -28.21 31.93
C SER A 733 17.36 -28.37 30.82
N HIS A 734 17.06 -29.25 29.87
CA HIS A 734 17.95 -29.50 28.73
C HIS A 734 19.30 -30.00 29.22
N SER A 735 19.27 -30.88 30.20
CA SER A 735 20.47 -31.47 30.78
C SER A 735 20.10 -32.82 31.38
N PRO A 736 21.10 -33.62 31.79
CA PRO A 736 20.80 -34.93 32.37
C PRO A 736 19.96 -34.86 33.66
N GLN A 737 19.84 -33.67 34.23
CA GLN A 737 19.13 -33.49 35.49
C GLN A 737 17.62 -33.75 35.38
N VAL A 738 17.07 -33.71 34.16
CA VAL A 738 15.64 -33.94 33.96
C VAL A 738 15.32 -35.41 33.69
N ASP A 739 16.34 -36.24 33.59
CA ASP A 739 16.15 -37.67 33.33
C ASP A 739 15.13 -38.35 34.23
N PRO A 740 15.22 -38.14 35.55
CA PRO A 740 14.35 -38.94 36.44
C PRO A 740 12.85 -38.62 36.39
N ILE A 741 12.42 -37.67 35.55
CA ILE A 741 11.00 -37.37 35.40
C ILE A 741 10.47 -37.63 33.99
N LEU A 742 11.35 -38.05 33.08
CA LEU A 742 10.98 -38.21 31.69
C LEU A 742 9.94 -39.31 31.48
N ASP A 743 10.09 -40.42 32.20
CA ASP A 743 9.16 -41.53 32.07
C ASP A 743 7.76 -41.12 32.53
N ASP A 744 7.69 -40.41 33.66
CA ASP A 744 6.41 -39.95 34.19
C ASP A 744 5.79 -38.90 33.27
N LEU A 745 6.64 -38.11 32.62
CA LEU A 745 6.16 -37.10 31.67
C LEU A 745 5.52 -37.76 30.47
N ILE A 746 6.21 -38.77 29.94
CA ILE A 746 5.72 -39.53 28.79
C ILE A 746 4.39 -40.18 29.12
N GLU A 747 4.23 -40.66 30.35
CA GLU A 747 3.00 -41.28 30.78
C GLU A 747 1.88 -40.25 30.93
N ALA A 748 2.24 -39.06 31.41
CA ALA A 748 1.26 -38.00 31.65
C ALA A 748 0.71 -37.43 30.35
N LEU A 749 1.44 -37.58 29.25
CA LEU A 749 1.05 -37.02 27.96
C LEU A 749 0.66 -38.13 26.97
N ALA A 750 0.22 -39.26 27.51
CA ALA A 750 -0.13 -40.42 26.69
C ALA A 750 -1.37 -40.15 25.83
N ASP A 751 -2.21 -39.23 26.28
CA ASP A 751 -3.53 -39.02 25.66
C ASP A 751 -3.57 -37.84 24.69
N LEU A 752 -2.41 -37.26 24.39
CA LEU A 752 -2.35 -36.14 23.45
C LEU A 752 -2.86 -36.57 22.07
N ASP A 753 -3.50 -35.63 21.38
CA ASP A 753 -4.09 -35.90 20.07
C ASP A 753 -3.64 -34.82 19.06
N PRO A 754 -2.36 -34.87 18.66
CA PRO A 754 -1.79 -33.84 17.80
C PRO A 754 -2.24 -33.92 16.34
N ALA A 755 -2.28 -32.77 15.69
CA ALA A 755 -2.63 -32.68 14.27
C ALA A 755 -1.48 -32.04 13.50
N GLU A 756 -1.59 -32.02 12.18
CA GLU A 756 -0.58 -31.37 11.35
C GLU A 756 -0.66 -29.86 11.54
N PRO A 757 0.50 -29.19 11.69
CA PRO A 757 0.47 -27.74 11.84
C PRO A 757 0.02 -27.04 10.55
N GLU A 758 -0.92 -26.11 10.68
CA GLU A 758 -1.42 -25.36 9.54
C GLU A 758 -0.43 -24.27 9.15
N ILE A 759 0.35 -23.83 10.13
CA ILE A 759 1.39 -22.82 9.92
C ILE A 759 2.75 -23.50 9.89
N PRO A 760 3.64 -23.08 8.97
CA PRO A 760 5.00 -23.62 8.98
C PRO A 760 5.66 -23.53 10.35
N TYR A 761 6.26 -24.65 10.78
CA TYR A 761 6.79 -24.79 12.14
C TYR A 761 8.25 -25.21 12.10
N TYR A 762 9.13 -24.38 12.63
CA TYR A 762 10.55 -24.70 12.69
C TYR A 762 10.93 -25.15 14.10
N SER A 763 11.18 -26.44 14.23
CA SER A 763 11.45 -27.05 15.53
C SER A 763 12.85 -26.74 16.03
N ALA A 764 12.96 -26.45 17.32
CA ALA A 764 14.26 -26.30 17.98
C ALA A 764 14.57 -27.56 18.79
N THR A 765 13.71 -28.56 18.66
CA THR A 765 13.88 -29.83 19.36
C THR A 765 14.59 -30.85 18.49
N LEU A 766 14.11 -31.01 17.27
CA LEU A 766 14.66 -31.98 16.33
C LEU A 766 16.04 -31.57 15.85
N TYR A 767 16.81 -32.53 15.37
N TYR A 767 16.82 -32.53 15.39
CA TYR A 767 18.16 -32.26 14.88
CA TYR A 767 18.15 -32.26 14.87
C TYR A 767 18.12 -31.62 13.48
C TYR A 767 18.07 -31.45 13.58
N ASP A 768 16.91 -31.53 12.91
CA ASP A 768 16.68 -30.81 11.67
C ASP A 768 15.39 -30.01 11.83
N PRO A 769 15.48 -28.66 11.80
CA PRO A 769 14.30 -27.85 12.13
C PRO A 769 13.12 -28.02 11.18
N ARG A 770 13.36 -28.57 9.99
CA ARG A 770 12.30 -28.77 9.00
C ARG A 770 11.68 -30.16 9.08
N ASP A 771 12.26 -31.04 9.90
CA ASP A 771 11.75 -32.40 10.01
C ASP A 771 10.33 -32.45 10.55
N TYR A 772 9.67 -33.59 10.34
CA TYR A 772 8.32 -33.82 10.81
C TYR A 772 8.29 -33.89 12.33
N ALA A 773 7.45 -33.07 12.94
CA ALA A 773 7.27 -33.09 14.39
C ALA A 773 5.97 -33.81 14.74
N ASP A 774 6.05 -34.74 15.68
CA ASP A 774 4.90 -35.53 16.09
C ASP A 774 4.09 -34.85 17.19
N TYR A 775 4.76 -34.02 17.98
CA TYR A 775 4.12 -33.28 19.07
C TYR A 775 3.49 -34.23 20.10
N ASP A 776 3.92 -35.49 20.10
CA ASP A 776 3.41 -36.47 21.05
C ASP A 776 4.23 -36.43 22.34
N ALA A 777 3.96 -37.38 23.23
CA ALA A 777 4.63 -37.45 24.52
C ALA A 777 6.16 -37.43 24.37
N TYR A 778 6.66 -38.26 23.47
CA TYR A 778 8.10 -38.40 23.29
C TYR A 778 8.75 -37.14 22.71
N TYR A 779 7.99 -36.37 21.94
CA TYR A 779 8.50 -35.11 21.39
C TYR A 779 8.75 -34.11 22.51
N TRP A 780 7.83 -34.05 23.46
CA TRP A 780 7.93 -33.10 24.57
C TRP A 780 8.96 -33.55 25.58
N ALA A 781 9.14 -34.86 25.71
CA ALA A 781 10.23 -35.41 26.50
C ALA A 781 11.55 -34.94 25.92
N ASP A 782 11.70 -35.08 24.61
CA ASP A 782 12.93 -34.67 23.93
C ASP A 782 13.08 -33.15 23.97
N ASN A 783 11.97 -32.42 23.88
CA ASN A 783 12.01 -30.97 23.95
C ASN A 783 12.59 -30.49 25.27
N LEU A 784 12.31 -31.22 26.34
CA LEU A 784 12.80 -30.85 27.68
C LEU A 784 14.25 -31.31 27.88
N ARG A 785 14.57 -32.49 27.36
CA ARG A 785 15.86 -33.12 27.63
C ARG A 785 16.96 -32.70 26.66
N HIS A 786 16.60 -32.49 25.40
CA HIS A 786 17.59 -32.20 24.37
C HIS A 786 17.87 -30.70 24.24
N THR A 787 18.95 -30.41 23.51
CA THR A 787 19.40 -29.03 23.30
C THR A 787 18.35 -28.18 22.60
N VAL A 788 18.25 -26.92 23.02
CA VAL A 788 17.39 -25.96 22.34
C VAL A 788 18.14 -25.40 21.14
N ARG A 789 17.78 -25.88 19.95
CA ARG A 789 18.46 -25.47 18.72
C ARG A 789 17.71 -24.32 18.06
N PHE A 790 17.62 -23.21 18.78
CA PHE A 790 16.87 -22.05 18.31
C PHE A 790 17.55 -21.39 17.11
N SER A 791 18.87 -21.30 17.17
CA SER A 791 19.63 -20.66 16.09
C SER A 791 19.43 -21.39 14.77
N ALA A 792 19.49 -22.72 14.82
CA ALA A 792 19.30 -23.54 13.62
C ALA A 792 17.91 -23.31 13.03
N ALA A 793 16.92 -23.11 13.89
CA ALA A 793 15.55 -22.90 13.46
C ALA A 793 15.40 -21.52 12.80
N VAL A 794 16.02 -20.52 13.39
CA VAL A 794 15.97 -19.17 12.83
C VAL A 794 16.65 -19.15 11.46
N GLN A 795 17.77 -19.85 11.35
CA GLN A 795 18.49 -19.93 10.09
C GLN A 795 17.60 -20.54 8.99
N ALA A 796 16.93 -21.64 9.32
CA ALA A 796 16.07 -22.31 8.36
C ALA A 796 14.96 -21.38 7.89
N ALA A 797 14.38 -20.64 8.82
CA ALA A 797 13.31 -19.70 8.51
C ALA A 797 13.80 -18.61 7.56
N LEU A 798 15.01 -18.13 7.80
CA LEU A 798 15.61 -17.11 6.95
C LEU A 798 15.86 -17.67 5.55
N GLU A 799 16.33 -18.91 5.49
CA GLU A 799 16.63 -19.57 4.23
C GLU A 799 15.38 -19.74 3.38
N ASP A 800 14.23 -19.87 4.04
CA ASP A 800 12.96 -20.04 3.35
C ASP A 800 12.26 -18.70 3.07
N GLY A 801 13.00 -17.60 3.22
CA GLY A 801 12.51 -16.31 2.77
C GLY A 801 11.82 -15.44 3.81
N HIS A 802 11.74 -15.90 5.05
CA HIS A 802 11.12 -15.10 6.12
C HIS A 802 12.06 -13.98 6.55
N ARG A 803 11.51 -12.79 6.74
CA ARG A 803 12.31 -11.60 7.04
C ARG A 803 11.82 -10.82 8.26
N VAL A 804 10.53 -10.93 8.57
CA VAL A 804 9.97 -10.25 9.72
C VAL A 804 9.75 -11.22 10.88
N PHE A 805 10.52 -11.02 11.95
CA PHE A 805 10.43 -11.86 13.14
C PHE A 805 9.90 -11.04 14.30
N ALA A 806 8.93 -11.60 15.02
CA ALA A 806 8.33 -10.89 16.14
C ALA A 806 8.12 -11.81 17.33
N GLU A 807 8.63 -11.41 18.48
CA GLU A 807 8.53 -12.22 19.68
C GLU A 807 7.24 -11.95 20.42
N LEU A 808 6.41 -12.98 20.55
CA LEU A 808 5.21 -12.90 21.37
C LEU A 808 5.55 -13.36 22.78
N SER A 809 5.76 -12.40 23.68
CA SER A 809 6.11 -12.69 25.07
C SER A 809 5.99 -11.42 25.90
N PRO A 810 6.00 -11.55 27.23
CA PRO A 810 5.95 -10.37 28.12
C PRO A 810 7.17 -9.45 27.98
N HIS A 811 8.28 -9.99 27.47
CA HIS A 811 9.51 -9.20 27.34
C HIS A 811 10.46 -9.91 26.36
N PRO A 812 11.09 -9.14 25.45
CA PRO A 812 11.94 -9.79 24.45
C PRO A 812 13.17 -10.47 25.03
N LEU A 813 13.25 -11.79 24.87
CA LEU A 813 14.39 -12.57 25.33
C LEU A 813 15.26 -13.04 24.17
N LEU A 814 14.70 -13.07 22.97
CA LEU A 814 15.36 -13.71 21.83
C LEU A 814 15.53 -12.82 20.61
N THR A 815 15.17 -11.55 20.71
CA THR A 815 15.25 -10.66 19.55
C THR A 815 16.71 -10.44 19.14
N HIS A 816 17.60 -10.30 20.12
CA HIS A 816 19.01 -10.10 19.82
C HIS A 816 19.65 -11.38 19.23
N PRO A 817 19.41 -12.55 19.85
CA PRO A 817 19.86 -13.80 19.24
C PRO A 817 19.44 -13.97 17.78
N VAL A 818 18.20 -13.60 17.46
CA VAL A 818 17.73 -13.66 16.08
C VAL A 818 18.57 -12.75 15.19
N GLU A 819 18.81 -11.53 15.64
CA GLU A 819 19.61 -10.57 14.89
C GLU A 819 21.03 -11.09 14.66
N GLN A 820 21.62 -11.67 15.71
CA GLN A 820 22.98 -12.19 15.65
C GLN A 820 23.08 -13.35 14.66
N THR A 821 22.03 -14.17 14.58
CA THR A 821 22.00 -15.28 13.64
C THR A 821 21.87 -14.75 12.22
N ALA A 822 20.99 -13.78 12.02
CA ALA A 822 20.78 -13.18 10.71
C ALA A 822 22.04 -12.48 10.20
N ARG A 823 22.71 -11.75 11.10
CA ARG A 823 23.93 -11.04 10.72
C ARG A 823 25.04 -12.00 10.28
N SER A 824 25.15 -13.13 10.97
CA SER A 824 26.18 -14.11 10.65
C SER A 824 25.97 -14.68 9.26
N LEU A 825 24.72 -14.67 8.81
CA LEU A 825 24.37 -15.20 7.49
C LEU A 825 24.23 -14.09 6.45
N ASP A 826 24.55 -12.86 6.85
CA ASP A 826 24.39 -11.69 5.98
C ASP A 826 22.97 -11.63 5.42
N MET A 827 21.98 -11.81 6.30
CA MET A 827 20.58 -11.85 5.91
C MET A 827 19.84 -10.64 6.49
N PRO A 828 19.07 -9.93 5.64
CA PRO A 828 18.31 -8.79 6.17
C PRO A 828 17.09 -9.23 6.96
N LEU A 829 16.66 -8.42 7.93
CA LEU A 829 15.47 -8.75 8.70
C LEU A 829 14.96 -7.56 9.50
N ALA A 830 13.75 -7.71 10.04
CA ALA A 830 13.18 -6.76 10.97
C ALA A 830 12.64 -7.51 12.17
N VAL A 831 13.12 -7.16 13.36
CA VAL A 831 12.73 -7.83 14.60
C VAL A 831 11.93 -6.91 15.49
N PHE A 832 10.87 -7.45 16.09
CA PHE A 832 9.99 -6.67 16.96
C PHE A 832 9.58 -7.45 18.20
N ALA A 833 9.07 -6.72 19.20
CA ALA A 833 8.62 -7.31 20.45
C ALA A 833 7.17 -6.89 20.74
N ALA A 834 6.33 -7.86 21.06
CA ALA A 834 4.92 -7.59 21.32
C ALA A 834 4.73 -6.84 22.63
N MET A 835 5.54 -7.18 23.63
CA MET A 835 5.49 -6.55 24.94
C MET A 835 6.90 -6.43 25.53
N ARG A 836 7.06 -5.47 26.44
CA ARG A 836 8.28 -5.39 27.24
C ARG A 836 7.93 -4.91 28.65
N ARG A 837 8.87 -5.13 29.57
CA ARG A 837 8.68 -4.82 30.99
C ARG A 837 8.19 -3.39 31.20
N GLN A 838 7.10 -3.24 31.96
CA GLN A 838 6.56 -1.93 32.34
C GLN A 838 6.15 -1.08 31.13
N GLN A 839 5.81 -1.73 30.02
CA GLN A 839 5.37 -1.01 28.83
C GLN A 839 4.00 -0.39 29.07
N GLU A 840 3.84 0.86 28.64
CA GLU A 840 2.55 1.52 28.64
C GLU A 840 1.86 1.23 27.31
N MET A 841 0.66 0.67 27.37
CA MET A 841 -0.03 0.21 26.17
C MET A 841 -1.45 0.74 26.09
N PRO A 842 -1.59 2.07 25.98
CA PRO A 842 -2.91 2.73 25.93
C PRO A 842 -3.72 2.37 24.68
N HIS A 843 -3.05 1.94 23.62
CA HIS A 843 -3.72 1.58 22.37
C HIS A 843 -3.58 0.09 22.11
N GLY A 844 -3.44 -0.69 23.19
CA GLY A 844 -3.30 -2.12 23.08
C GLY A 844 -2.09 -2.51 22.24
N LEU A 845 -2.34 -3.37 21.25
CA LEU A 845 -1.27 -3.87 20.39
C LEU A 845 -1.31 -3.25 18.99
N LEU A 846 -2.01 -2.12 18.85
CA LEU A 846 -2.13 -1.48 17.55
C LEU A 846 -0.78 -0.93 17.09
N GLY A 847 0.02 -0.45 18.03
CA GLY A 847 1.35 0.02 17.72
C GLY A 847 2.19 -1.12 17.16
N PHE A 848 1.98 -2.31 17.71
CA PHE A 848 2.68 -3.51 17.28
C PHE A 848 2.25 -3.87 15.86
N VAL A 849 0.95 -3.78 15.59
CA VAL A 849 0.42 -3.98 14.24
C VAL A 849 1.04 -3.00 13.25
N ALA A 850 1.12 -1.74 13.66
CA ALA A 850 1.67 -0.69 12.80
C ALA A 850 3.12 -0.97 12.43
N ASP A 851 3.92 -1.34 13.41
CA ASP A 851 5.34 -1.64 13.17
C ASP A 851 5.53 -2.80 12.20
N LEU A 852 4.68 -3.81 12.32
CA LEU A 852 4.79 -5.00 11.47
C LEU A 852 4.49 -4.65 10.01
N HIS A 853 3.43 -3.87 9.79
CA HIS A 853 3.08 -3.42 8.45
C HIS A 853 4.21 -2.60 7.83
N SER A 854 4.82 -1.74 8.64
CA SER A 854 5.89 -0.87 8.18
C SER A 854 7.13 -1.66 7.78
N ALA A 855 7.29 -2.84 8.37
CA ALA A 855 8.39 -3.73 8.03
C ALA A 855 8.09 -4.50 6.75
N GLY A 856 6.82 -4.54 6.38
CA GLY A 856 6.38 -5.19 5.16
C GLY A 856 5.65 -6.50 5.43
N ALA A 857 5.35 -6.78 6.69
CA ALA A 857 4.62 -7.99 7.04
C ALA A 857 3.18 -7.89 6.55
N ALA A 858 2.64 -9.02 6.09
CA ALA A 858 1.28 -9.05 5.57
C ALA A 858 0.28 -8.74 6.67
N VAL A 859 -0.66 -7.86 6.36
CA VAL A 859 -1.72 -7.49 7.29
C VAL A 859 -3.03 -7.30 6.54
N ASP A 860 -4.01 -8.12 6.87
CA ASP A 860 -5.33 -8.02 6.26
C ASP A 860 -6.10 -6.86 6.90
N PHE A 861 -6.00 -5.68 6.29
CA PHE A 861 -6.57 -4.47 6.86
C PHE A 861 -8.10 -4.42 6.74
N SER A 862 -8.69 -5.40 6.08
CA SER A 862 -10.15 -5.47 5.97
C SER A 862 -10.77 -5.85 7.31
N VAL A 863 -9.95 -6.40 8.20
CA VAL A 863 -10.40 -6.72 9.55
C VAL A 863 -10.57 -5.43 10.36
N LEU A 864 -9.52 -4.64 10.43
CA LEU A 864 -9.56 -3.36 11.13
C LEU A 864 -10.51 -2.37 10.46
N TYR A 865 -10.56 -2.41 9.13
CA TYR A 865 -11.37 -1.47 8.36
C TYR A 865 -12.21 -2.21 7.31
N PRO A 866 -13.34 -2.80 7.75
CA PRO A 866 -14.20 -3.56 6.84
C PRO A 866 -14.88 -2.68 5.80
N THR A 867 -15.16 -1.43 6.14
CA THR A 867 -15.86 -0.51 5.25
C THR A 867 -15.34 0.91 5.39
N GLY A 868 -15.66 1.75 4.42
CA GLY A 868 -15.24 3.14 4.43
C GLY A 868 -15.37 3.78 3.05
N ARG A 869 -15.25 5.10 3.01
CA ARG A 869 -15.35 5.85 1.77
C ARG A 869 -13.96 6.21 1.24
N LEU A 870 -13.81 6.16 -0.07
CA LEU A 870 -12.54 6.53 -0.72
C LEU A 870 -12.36 8.05 -0.70
N LEU A 871 -11.25 8.49 -0.13
CA LEU A 871 -10.90 9.91 -0.10
C LEU A 871 -9.72 10.19 -1.03
N ASP A 872 -9.69 11.40 -1.58
CA ASP A 872 -8.60 11.81 -2.47
C ASP A 872 -7.44 12.37 -1.67
N ALA A 873 -6.91 11.57 -0.76
CA ALA A 873 -5.70 11.96 -0.02
C ALA A 873 -4.56 12.06 -1.02
N PRO A 874 -3.68 13.08 -0.86
CA PRO A 874 -2.59 13.27 -1.82
C PRO A 874 -1.78 12.01 -2.07
N LEU A 875 -1.43 11.75 -3.32
CA LEU A 875 -0.63 10.59 -3.66
C LEU A 875 0.80 10.83 -3.19
N PRO A 876 1.54 9.74 -2.90
CA PRO A 876 2.91 9.88 -2.38
C PRO A 876 3.81 10.67 -3.32
N ALA A 877 4.69 11.50 -2.75
CA ALA A 877 5.69 12.20 -3.54
C ALA A 877 6.67 11.18 -4.11
N TRP A 878 7.10 11.42 -5.35
CA TRP A 878 8.08 10.56 -5.99
C TRP A 878 9.49 10.92 -5.53
N THR A 879 10.41 9.98 -5.71
CA THR A 879 11.83 10.25 -5.52
C THR A 879 12.42 10.62 -6.88
N HIS A 880 12.32 11.90 -7.23
CA HIS A 880 12.68 12.37 -8.56
C HIS A 880 14.14 12.77 -8.68
N SER A 881 14.77 12.29 -9.74
CA SER A 881 16.11 12.73 -10.13
C SER A 881 16.09 13.06 -11.62
N THR A 882 16.67 14.21 -11.98
CA THR A 882 16.67 14.65 -13.37
C THR A 882 17.58 13.77 -14.21
N LEU A 883 16.97 13.05 -15.16
CA LEU A 883 17.69 12.10 -16.01
C LEU A 883 17.54 12.49 -17.48
N LEU A 884 18.67 12.80 -18.12
CA LEU A 884 18.67 13.21 -19.52
C LEU A 884 19.93 12.70 -20.22
N LEU A 885 19.79 12.32 -21.49
CA LEU A 885 20.93 11.90 -22.29
C LEU A 885 21.71 13.13 -22.73
N ASP A 886 23.03 13.10 -22.50
CA ASP A 886 23.89 14.20 -22.87
C ASP A 886 23.97 14.35 -24.38
N ARG A 887 24.61 15.45 -24.81
CA ARG A 887 24.81 15.79 -26.23
C ARG A 887 23.53 16.23 -26.96
N GLU A 888 22.38 16.04 -26.34
CA GLU A 888 21.10 16.45 -26.92
C GLU A 888 20.09 16.76 -25.82
#